data_1F5O
#
_entry.id   1F5O
#
_cell.length_a   82.5
_cell.length_b   96.2
_cell.length_c   146.1
_cell.angle_alpha   90.0
_cell.angle_beta   90.0
_cell.angle_gamma   90.0
#
_symmetry.space_group_name_H-M   'P 21 21 21'
#
loop_
_entity.id
_entity.type
_entity.pdbx_description
1 polymer 'HEMOGLOBIN V'
2 non-polymer 'PROTOPORPHYRIN IX CONTAINING FE'
3 water water
#
_entity_poly.entity_id   1
_entity_poly.type   'polypeptide(L)'
_entity_poly.pdbx_seq_one_letter_code
;PIVDTGSVAPLSAAEKTKIRSAWAPVYSTYETSGVDILVKFFTSTPAAQEFFPKFKGLTTADQLKKSADVRWHAERIINA
VNDAVASMDDTEKMSMKLRDLSGKHAKSFQVDPQYFKVLAAVIADTVAAGDAGFEKLMSMICILLRSAY
;
_entity_poly.pdbx_strand_id   A,B,C,D,E,F
#
loop_
_chem_comp.id
_chem_comp.type
_chem_comp.name
_chem_comp.formula
HEM non-polymer 'PROTOPORPHYRIN IX CONTAINING FE' 'C34 H32 Fe N4 O4'
#
# COMPACT_ATOMS: atom_id res chain seq x y z
N PRO A 1 10.83 6.33 -14.93
CA PRO A 1 11.82 5.58 -14.11
C PRO A 1 13.15 6.33 -14.07
N ILE A 2 13.95 6.04 -13.04
CA ILE A 2 15.23 6.70 -12.86
C ILE A 2 16.32 6.10 -13.75
N VAL A 3 17.04 6.97 -14.48
CA VAL A 3 18.11 6.52 -15.36
C VAL A 3 19.46 7.05 -14.89
N ASP A 4 20.53 6.33 -15.20
CA ASP A 4 21.86 6.75 -14.79
C ASP A 4 22.81 6.85 -15.98
N THR A 5 22.24 7.03 -17.17
CA THR A 5 23.03 7.16 -18.40
C THR A 5 22.38 8.16 -19.30
N GLY A 6 23.13 8.64 -20.28
CA GLY A 6 22.59 9.60 -21.23
C GLY A 6 22.34 10.99 -20.68
N SER A 7 21.17 11.52 -20.99
CA SER A 7 20.80 12.87 -20.57
C SER A 7 19.31 12.95 -20.27
N VAL A 8 18.91 13.93 -19.47
CA VAL A 8 17.50 14.11 -19.15
C VAL A 8 17.18 15.57 -19.36
N ALA A 9 15.94 15.86 -19.76
CA ALA A 9 15.50 17.22 -20.02
C ALA A 9 15.55 18.08 -18.77
N PRO A 10 15.78 19.39 -18.94
CA PRO A 10 15.85 20.31 -17.81
C PRO A 10 14.62 20.23 -16.90
N LEU A 11 14.73 20.79 -15.71
CA LEU A 11 13.62 20.79 -14.78
C LEU A 11 12.79 22.05 -15.04
N SER A 12 11.47 21.87 -15.10
CA SER A 12 10.57 23.01 -15.32
C SER A 12 10.32 23.70 -13.99
N ALA A 13 9.94 24.97 -14.03
CA ALA A 13 9.66 25.70 -12.81
C ALA A 13 8.60 24.98 -11.99
N ALA A 14 7.68 24.32 -12.69
CA ALA A 14 6.60 23.57 -12.05
C ALA A 14 7.16 22.39 -11.27
N GLU A 15 8.06 21.63 -11.90
CA GLU A 15 8.66 20.47 -11.27
C GLU A 15 9.51 20.86 -10.07
N LYS A 16 10.27 21.94 -10.21
CA LYS A 16 11.12 22.38 -9.11
C LYS A 16 10.27 22.69 -7.87
N THR A 17 9.12 23.32 -8.10
CA THR A 17 8.22 23.68 -7.01
C THR A 17 7.69 22.46 -6.27
N LYS A 18 7.27 21.45 -7.00
CA LYS A 18 6.77 20.23 -6.36
C LYS A 18 7.89 19.59 -5.57
N ILE A 19 9.06 19.49 -6.19
CA ILE A 19 10.22 18.89 -5.54
C ILE A 19 10.50 19.59 -4.20
N ARG A 20 10.62 20.91 -4.24
CA ARG A 20 10.90 21.64 -3.01
C ARG A 20 9.86 21.32 -1.95
N SER A 21 8.61 21.13 -2.36
CA SER A 21 7.53 20.84 -1.41
C SER A 21 7.67 19.47 -0.80
N ALA A 22 7.80 18.45 -1.65
CA ALA A 22 7.95 17.09 -1.18
C ALA A 22 9.21 16.92 -0.33
N TRP A 23 10.25 17.70 -0.65
CA TRP A 23 11.50 17.60 0.06
C TRP A 23 11.46 18.22 1.47
N ALA A 24 11.00 19.46 1.57
CA ALA A 24 10.95 20.16 2.86
C ALA A 24 10.67 19.27 4.08
N PRO A 25 9.54 18.52 4.08
CA PRO A 25 9.20 17.64 5.20
C PRO A 25 10.25 16.58 5.46
N VAL A 26 10.66 15.87 4.42
CA VAL A 26 11.65 14.82 4.55
C VAL A 26 12.99 15.34 5.11
N TYR A 27 13.54 16.39 4.51
CA TYR A 27 14.81 16.94 4.99
C TYR A 27 14.69 17.55 6.39
N SER A 28 13.48 17.99 6.73
CA SER A 28 13.21 18.61 8.01
C SER A 28 13.68 17.72 9.15
N THR A 29 13.60 16.41 8.95
CA THR A 29 14.03 15.44 9.95
C THR A 29 14.90 14.41 9.23
N TYR A 30 15.88 14.92 8.49
CA TYR A 30 16.79 14.09 7.70
C TYR A 30 17.53 12.99 8.45
N GLU A 31 17.81 13.21 9.73
CA GLU A 31 18.53 12.22 10.52
C GLU A 31 17.75 10.91 10.63
N THR A 32 16.42 11.01 10.61
CA THR A 32 15.57 9.83 10.71
C THR A 32 15.26 9.31 9.31
N SER A 33 14.85 10.21 8.43
CA SER A 33 14.53 9.85 7.06
C SER A 33 15.74 9.14 6.45
N GLY A 34 16.89 9.81 6.51
CA GLY A 34 18.11 9.26 5.96
C GLY A 34 18.39 7.85 6.42
N VAL A 35 18.27 7.61 7.73
CA VAL A 35 18.54 6.29 8.25
C VAL A 35 17.56 5.24 7.75
N ASP A 36 16.28 5.59 7.65
CA ASP A 36 15.29 4.65 7.16
C ASP A 36 15.57 4.32 5.72
N ILE A 37 15.83 5.36 4.92
CA ILE A 37 16.11 5.16 3.50
C ILE A 37 17.31 4.25 3.30
N LEU A 38 18.38 4.49 4.06
CA LEU A 38 19.60 3.70 3.93
C LEU A 38 19.42 2.28 4.47
N VAL A 39 18.74 2.14 5.61
CA VAL A 39 18.51 0.82 6.20
C VAL A 39 17.64 -0.02 5.28
N LYS A 40 16.66 0.63 4.64
CA LYS A 40 15.76 -0.04 3.72
C LYS A 40 16.55 -0.54 2.51
N PHE A 41 17.33 0.35 1.91
CA PHE A 41 18.13 0.01 0.73
C PHE A 41 19.11 -1.13 1.02
N PHE A 42 19.77 -1.04 2.16
CA PHE A 42 20.78 -2.02 2.56
C PHE A 42 20.22 -3.43 2.80
N THR A 43 19.14 -3.50 3.57
CA THR A 43 18.52 -4.77 3.90
C THR A 43 17.87 -5.47 2.70
N SER A 44 17.28 -4.71 1.80
CA SER A 44 16.65 -5.31 0.64
C SER A 44 17.55 -5.48 -0.59
N THR A 45 18.82 -5.10 -0.50
CA THR A 45 19.70 -5.23 -1.65
C THR A 45 21.02 -5.86 -1.22
N PRO A 46 20.98 -7.14 -0.81
CA PRO A 46 22.12 -7.95 -0.35
C PRO A 46 23.40 -7.83 -1.17
N ALA A 47 23.25 -7.81 -2.50
CA ALA A 47 24.39 -7.71 -3.40
C ALA A 47 25.26 -6.48 -3.18
N ALA A 48 24.64 -5.40 -2.71
CA ALA A 48 25.35 -4.15 -2.48
C ALA A 48 25.95 -4.02 -1.07
N GLN A 49 25.63 -4.97 -0.19
CA GLN A 49 26.12 -4.90 1.18
C GLN A 49 27.63 -4.96 1.36
N GLU A 50 28.31 -5.71 0.48
CA GLU A 50 29.74 -5.84 0.59
C GLU A 50 30.45 -4.50 0.41
N PHE A 51 29.74 -3.48 -0.05
CA PHE A 51 30.35 -2.17 -0.25
C PHE A 51 30.26 -1.24 0.94
N PHE A 52 29.72 -1.73 2.05
CA PHE A 52 29.61 -0.95 3.26
C PHE A 52 30.44 -1.67 4.33
N PRO A 53 31.78 -1.65 4.19
CA PRO A 53 32.71 -2.30 5.11
C PRO A 53 32.42 -1.99 6.56
N LYS A 54 32.18 -0.72 6.87
CA LYS A 54 31.94 -0.33 8.24
C LYS A 54 30.67 -0.94 8.83
N PHE A 55 29.91 -1.66 8.02
CA PHE A 55 28.66 -2.27 8.49
C PHE A 55 28.80 -3.78 8.73
N LYS A 56 30.01 -4.31 8.58
CA LYS A 56 30.25 -5.74 8.79
C LYS A 56 29.65 -6.17 10.12
N GLY A 57 28.97 -7.32 10.12
CA GLY A 57 28.38 -7.80 11.35
C GLY A 57 26.94 -7.36 11.55
N LEU A 58 26.63 -6.14 11.15
CA LEU A 58 25.27 -5.63 11.27
C LEU A 58 24.37 -6.39 10.29
N THR A 59 23.17 -6.75 10.75
CA THR A 59 22.22 -7.50 9.92
C THR A 59 20.77 -7.07 10.14
N THR A 60 20.28 -7.21 11.38
CA THR A 60 18.91 -6.82 11.68
C THR A 60 18.78 -5.33 11.42
N ALA A 61 17.59 -4.90 10.99
CA ALA A 61 17.35 -3.48 10.73
C ALA A 61 17.45 -2.70 12.03
N ASP A 62 17.27 -3.40 13.15
CA ASP A 62 17.33 -2.77 14.45
C ASP A 62 18.77 -2.42 14.84
N GLN A 63 19.70 -3.32 14.54
CA GLN A 63 21.10 -3.11 14.84
C GLN A 63 21.59 -1.89 14.08
N LEU A 64 21.26 -1.86 12.79
CA LEU A 64 21.64 -0.76 11.91
C LEU A 64 21.19 0.59 12.44
N LYS A 65 19.89 0.76 12.67
CA LYS A 65 19.40 2.04 13.15
C LYS A 65 20.12 2.54 14.41
N LYS A 66 20.84 1.64 15.07
CA LYS A 66 21.54 2.01 16.31
C LYS A 66 23.03 2.29 16.11
N SER A 67 23.61 1.77 15.03
CA SER A 67 25.02 1.99 14.72
C SER A 67 25.28 3.46 14.36
N ALA A 68 26.30 4.07 14.97
CA ALA A 68 26.61 5.46 14.66
C ALA A 68 27.23 5.57 13.28
N ASP A 69 27.84 4.48 12.82
CA ASP A 69 28.43 4.46 11.50
C ASP A 69 27.35 4.56 10.43
N VAL A 70 26.25 3.81 10.63
CA VAL A 70 25.14 3.82 9.69
C VAL A 70 24.48 5.19 9.67
N ARG A 71 24.23 5.77 10.84
CA ARG A 71 23.61 7.08 10.92
C ARG A 71 24.41 8.20 10.23
N TRP A 72 25.73 8.15 10.38
CA TRP A 72 26.62 9.16 9.81
C TRP A 72 26.62 9.06 8.28
N HIS A 73 26.74 7.84 7.78
CA HIS A 73 26.74 7.58 6.34
C HIS A 73 25.41 8.02 5.73
N ALA A 74 24.31 7.74 6.43
CA ALA A 74 22.98 8.13 5.96
C ALA A 74 22.80 9.66 5.99
N GLU A 75 23.29 10.30 7.05
CA GLU A 75 23.17 11.74 7.14
C GLU A 75 23.93 12.46 6.03
N ARG A 76 25.08 11.90 5.66
CA ARG A 76 25.89 12.49 4.61
C ARG A 76 25.23 12.32 3.24
N ILE A 77 24.75 11.12 2.96
CA ILE A 77 24.06 10.83 1.70
C ILE A 77 22.81 11.71 1.53
N ILE A 78 21.98 11.72 2.56
CA ILE A 78 20.76 12.49 2.54
C ILE A 78 21.00 14.00 2.38
N ASN A 79 22.14 14.49 2.87
CA ASN A 79 22.47 15.92 2.74
C ASN A 79 23.05 16.23 1.36
N ALA A 80 23.59 15.22 0.69
CA ALA A 80 24.14 15.41 -0.63
C ALA A 80 22.95 15.67 -1.54
N VAL A 81 21.90 14.87 -1.36
CA VAL A 81 20.69 15.05 -2.17
C VAL A 81 20.16 16.44 -1.91
N ASN A 82 20.16 16.83 -0.64
CA ASN A 82 19.66 18.14 -0.27
C ASN A 82 20.42 19.27 -0.98
N ASP A 83 21.75 19.10 -1.11
CA ASP A 83 22.57 20.09 -1.79
C ASP A 83 22.11 20.19 -3.23
N ALA A 84 21.80 19.05 -3.82
CA ALA A 84 21.34 19.02 -5.20
C ALA A 84 20.03 19.77 -5.28
N VAL A 85 19.11 19.47 -4.36
CA VAL A 85 17.81 20.13 -4.34
C VAL A 85 17.97 21.65 -4.19
N ALA A 86 18.91 22.07 -3.36
CA ALA A 86 19.13 23.49 -3.15
C ALA A 86 19.78 24.15 -4.35
N SER A 87 20.28 23.36 -5.30
CA SER A 87 20.95 23.93 -6.48
C SER A 87 20.25 23.76 -7.80
N MET A 88 18.99 23.35 -7.80
CA MET A 88 18.27 23.16 -9.05
C MET A 88 18.30 24.40 -9.93
N ASP A 89 18.54 25.56 -9.34
CA ASP A 89 18.58 26.80 -10.11
C ASP A 89 19.97 27.16 -10.58
N ASP A 90 20.95 26.40 -10.15
CA ASP A 90 22.33 26.62 -10.54
C ASP A 90 22.86 25.24 -10.89
N THR A 91 22.45 24.75 -12.05
CA THR A 91 22.82 23.43 -12.51
C THR A 91 24.33 23.27 -12.67
N GLU A 92 25.03 24.38 -12.76
CA GLU A 92 26.49 24.36 -12.90
C GLU A 92 27.15 24.00 -11.59
N LYS A 93 26.66 24.59 -10.51
CA LYS A 93 27.18 24.30 -9.17
C LYS A 93 26.84 22.86 -8.79
N MET A 94 25.62 22.43 -9.15
CA MET A 94 25.16 21.09 -8.85
C MET A 94 26.09 20.05 -9.46
N SER A 95 26.57 20.34 -10.67
CA SER A 95 27.47 19.43 -11.38
C SER A 95 28.84 19.33 -10.72
N MET A 96 29.48 20.47 -10.47
CA MET A 96 30.78 20.47 -9.86
C MET A 96 30.82 19.62 -8.61
N LYS A 97 29.88 19.88 -7.70
CA LYS A 97 29.81 19.15 -6.45
C LYS A 97 29.63 17.65 -6.63
N LEU A 98 28.72 17.26 -7.53
CA LEU A 98 28.47 15.84 -7.76
C LEU A 98 29.59 15.14 -8.49
N ARG A 99 30.21 15.80 -9.46
CA ARG A 99 31.31 15.18 -10.20
C ARG A 99 32.44 14.88 -9.22
N ASP A 100 32.64 15.80 -8.30
CA ASP A 100 33.67 15.64 -7.30
C ASP A 100 33.36 14.38 -6.50
N LEU A 101 32.10 14.26 -6.10
CA LEU A 101 31.59 13.15 -5.32
C LEU A 101 31.70 11.86 -6.13
N SER A 102 31.52 11.96 -7.44
CA SER A 102 31.63 10.80 -8.33
C SER A 102 33.04 10.26 -8.23
N GLY A 103 34.02 11.17 -8.32
CA GLY A 103 35.40 10.76 -8.22
C GLY A 103 35.70 9.99 -6.95
N LYS A 104 35.18 10.46 -5.82
CA LYS A 104 35.44 9.78 -4.55
C LYS A 104 34.86 8.37 -4.54
N HIS A 105 33.67 8.19 -5.09
CA HIS A 105 33.07 6.88 -5.12
C HIS A 105 33.86 5.92 -5.99
N ALA A 106 34.39 6.41 -7.10
CA ALA A 106 35.14 5.57 -8.01
C ALA A 106 36.58 5.32 -7.60
N LYS A 107 37.28 6.35 -7.13
CA LYS A 107 38.70 6.20 -6.75
C LYS A 107 38.98 5.77 -5.31
N SER A 108 38.10 6.07 -4.37
CA SER A 108 38.38 5.71 -2.99
C SER A 108 37.48 4.65 -2.40
N PHE A 109 36.18 4.91 -2.40
CA PHE A 109 35.20 3.97 -1.86
C PHE A 109 35.10 2.73 -2.75
N GLN A 110 35.42 2.89 -4.02
CA GLN A 110 35.35 1.78 -4.96
C GLN A 110 34.00 1.11 -4.94
N VAL A 111 32.93 1.86 -5.15
CA VAL A 111 31.63 1.25 -5.14
C VAL A 111 31.17 0.97 -6.57
N ASP A 112 30.48 -0.14 -6.75
CA ASP A 112 29.94 -0.55 -8.04
C ASP A 112 28.97 0.55 -8.44
N PRO A 113 29.17 1.20 -9.60
CA PRO A 113 28.28 2.27 -10.05
C PRO A 113 26.81 1.92 -10.31
N GLN A 114 26.48 0.64 -10.42
CA GLN A 114 25.11 0.26 -10.72
C GLN A 114 24.07 0.52 -9.63
N TYR A 115 24.49 0.59 -8.37
CA TYR A 115 23.53 0.79 -7.29
C TYR A 115 23.04 2.20 -7.05
N PHE A 116 23.74 3.18 -7.62
CA PHE A 116 23.32 4.56 -7.44
C PHE A 116 21.82 4.72 -7.70
N LYS A 117 21.35 4.19 -8.82
CA LYS A 117 19.93 4.29 -9.17
C LYS A 117 19.02 3.44 -8.27
N VAL A 118 19.52 2.32 -7.78
CA VAL A 118 18.71 1.49 -6.90
C VAL A 118 18.38 2.28 -5.62
N LEU A 119 19.41 2.90 -5.04
CA LEU A 119 19.22 3.69 -3.83
C LEU A 119 18.41 4.95 -4.15
N ALA A 120 18.66 5.54 -5.32
CA ALA A 120 17.95 6.75 -5.75
C ALA A 120 16.45 6.47 -5.74
N ALA A 121 16.08 5.26 -6.17
CA ALA A 121 14.68 4.84 -6.21
C ALA A 121 14.04 4.82 -4.82
N VAL A 122 14.77 4.29 -3.84
CA VAL A 122 14.26 4.24 -2.48
C VAL A 122 14.04 5.65 -1.98
N ILE A 123 14.97 6.55 -2.31
CA ILE A 123 14.84 7.95 -1.89
C ILE A 123 13.60 8.57 -2.57
N ALA A 124 13.35 8.17 -3.82
CA ALA A 124 12.21 8.68 -4.56
C ALA A 124 10.87 8.21 -3.99
N ASP A 125 10.78 6.92 -3.65
CA ASP A 125 9.55 6.37 -3.06
C ASP A 125 9.20 7.11 -1.79
N THR A 126 10.19 7.20 -0.91
CA THR A 126 10.03 7.86 0.37
C THR A 126 9.62 9.32 0.27
N VAL A 127 10.29 10.08 -0.60
CA VAL A 127 10.00 11.50 -0.73
C VAL A 127 8.75 11.85 -1.50
N ALA A 128 8.64 11.34 -2.72
CA ALA A 128 7.48 11.64 -3.56
C ALA A 128 7.26 10.51 -4.55
N ALA A 129 6.76 9.39 -4.03
CA ALA A 129 6.48 8.21 -4.86
C ALA A 129 5.61 8.57 -6.04
N GLY A 130 6.04 8.15 -7.23
CA GLY A 130 5.29 8.43 -8.43
C GLY A 130 5.62 9.73 -9.16
N ASP A 131 6.07 10.76 -8.45
CA ASP A 131 6.37 12.01 -9.14
C ASP A 131 7.50 11.86 -10.14
N ALA A 132 7.20 12.19 -11.40
CA ALA A 132 8.18 12.08 -12.46
C ALA A 132 9.22 13.18 -12.29
N GLY A 133 8.79 14.35 -11.86
CA GLY A 133 9.71 15.46 -11.65
C GLY A 133 10.85 15.08 -10.72
N PHE A 134 10.52 14.51 -9.57
CA PHE A 134 11.50 14.11 -8.60
C PHE A 134 12.38 12.99 -9.18
N GLU A 135 11.79 12.13 -10.01
CA GLU A 135 12.55 11.06 -10.63
C GLU A 135 13.56 11.64 -11.61
N LYS A 136 13.22 12.79 -12.16
CA LYS A 136 14.09 13.45 -13.11
C LYS A 136 15.29 14.00 -12.35
N LEU A 137 15.04 14.55 -11.17
CA LEU A 137 16.12 15.10 -10.36
C LEU A 137 17.05 13.97 -9.91
N MET A 138 16.51 12.81 -9.61
CA MET A 138 17.35 11.69 -9.18
C MET A 138 18.19 11.17 -10.33
N SER A 139 17.67 11.30 -11.55
CA SER A 139 18.38 10.83 -12.74
C SER A 139 19.61 11.70 -12.98
N MET A 140 19.44 13.01 -12.81
CA MET A 140 20.55 13.93 -13.00
C MET A 140 21.65 13.55 -12.02
N ILE A 141 21.27 13.29 -10.77
CA ILE A 141 22.20 12.92 -9.73
C ILE A 141 22.91 11.61 -10.04
N CYS A 142 22.18 10.63 -10.55
CA CYS A 142 22.82 9.36 -10.87
C CYS A 142 23.74 9.47 -12.06
N ILE A 143 23.31 10.21 -13.08
CA ILE A 143 24.15 10.40 -14.25
C ILE A 143 25.46 11.07 -13.87
N LEU A 144 25.39 12.07 -13.01
CA LEU A 144 26.60 12.77 -12.58
C LEU A 144 27.46 11.90 -11.65
N LEU A 145 26.82 11.10 -10.80
CA LEU A 145 27.55 10.25 -9.89
C LEU A 145 28.34 9.18 -10.63
N ARG A 146 27.99 8.91 -11.87
CA ARG A 146 28.70 7.91 -12.66
C ARG A 146 29.70 8.55 -13.63
N SER A 147 29.76 9.88 -13.64
CA SER A 147 30.66 10.57 -14.57
C SER A 147 32.14 10.31 -14.38
N ALA A 148 32.57 9.93 -13.19
CA ALA A 148 33.99 9.66 -12.95
C ALA A 148 34.39 8.22 -13.27
N TYR A 149 33.41 7.33 -13.41
CA TYR A 149 33.71 5.94 -13.73
C TYR A 149 34.02 5.82 -15.22
N PRO B 1 46.27 23.70 29.03
CA PRO B 1 45.30 24.47 28.21
C PRO B 1 45.55 24.17 26.74
N ILE B 2 44.53 24.40 25.91
CA ILE B 2 44.60 24.15 24.48
C ILE B 2 45.33 25.27 23.74
N VAL B 3 46.32 24.91 22.91
CA VAL B 3 47.07 25.89 22.14
C VAL B 3 46.85 25.71 20.64
N ASP B 4 46.97 26.78 19.88
CA ASP B 4 46.78 26.70 18.44
C ASP B 4 47.99 27.21 17.67
N THR B 5 49.15 27.18 18.33
CA THR B 5 50.39 27.62 17.71
C THR B 5 51.53 26.74 18.17
N GLY B 6 52.63 26.80 17.44
CA GLY B 6 53.79 26.02 17.81
C GLY B 6 53.66 24.53 17.59
N SER B 7 54.09 23.77 18.59
CA SER B 7 54.06 22.32 18.52
C SER B 7 53.72 21.70 19.87
N VAL B 8 53.21 20.48 19.85
CA VAL B 8 52.89 19.77 21.08
C VAL B 8 53.52 18.39 21.02
N ALA B 9 53.93 17.87 22.17
CA ALA B 9 54.56 16.55 22.24
C ALA B 9 53.61 15.45 21.79
N PRO B 10 54.16 14.37 21.21
CA PRO B 10 53.34 13.24 20.74
C PRO B 10 52.40 12.70 21.81
N LEU B 11 51.43 11.91 21.39
CA LEU B 11 50.48 11.32 22.32
C LEU B 11 51.06 9.97 22.78
N SER B 12 51.04 9.74 24.08
CA SER B 12 51.54 8.48 24.63
C SER B 12 50.46 7.42 24.51
N ALA B 13 50.86 6.15 24.53
CA ALA B 13 49.90 5.07 24.41
C ALA B 13 48.85 5.18 25.51
N ALA B 14 49.26 5.67 26.68
CA ALA B 14 48.38 5.84 27.81
C ALA B 14 47.31 6.90 27.51
N GLU B 15 47.74 8.03 26.96
CA GLU B 15 46.83 9.12 26.63
C GLU B 15 45.83 8.70 25.55
N LYS B 16 46.32 7.99 24.54
CA LYS B 16 45.43 7.56 23.47
C LYS B 16 44.32 6.69 24.00
N THR B 17 44.65 5.83 24.96
CA THR B 17 43.66 4.94 25.57
C THR B 17 42.57 5.69 26.31
N LYS B 18 42.96 6.69 27.10
CA LYS B 18 41.97 7.46 27.84
C LYS B 18 41.07 8.20 26.86
N ILE B 19 41.69 8.80 25.84
CA ILE B 19 40.96 9.53 24.81
C ILE B 19 39.90 8.64 24.17
N ARG B 20 40.32 7.49 23.67
CA ARG B 20 39.39 6.56 23.05
C ARG B 20 38.23 6.23 23.98
N SER B 21 38.49 6.13 25.29
CA SER B 21 37.46 5.82 26.27
C SER B 21 36.47 6.96 26.46
N ALA B 22 37.00 8.15 26.69
CA ALA B 22 36.16 9.32 26.89
C ALA B 22 35.37 9.65 25.64
N TRP B 23 35.95 9.34 24.48
CA TRP B 23 35.29 9.63 23.21
C TRP B 23 34.14 8.68 22.88
N ALA B 24 34.36 7.37 23.00
CA ALA B 24 33.35 6.37 22.67
C ALA B 24 31.90 6.76 23.01
N PRO B 25 31.63 7.10 24.28
CA PRO B 25 30.27 7.49 24.68
C PRO B 25 29.77 8.71 23.95
N VAL B 26 30.59 9.77 23.90
CA VAL B 26 30.21 11.00 23.24
C VAL B 26 29.88 10.78 21.76
N TYR B 27 30.77 10.14 21.03
CA TYR B 27 30.55 9.91 19.60
C TYR B 27 29.41 8.95 19.35
N SER B 28 29.14 8.09 20.33
CA SER B 28 28.07 7.10 20.24
C SER B 28 26.72 7.75 19.92
N THR B 29 26.55 8.98 20.37
CA THR B 29 25.33 9.74 20.12
C THR B 29 25.76 11.16 19.67
N TYR B 30 26.67 11.19 18.68
CA TYR B 30 27.23 12.43 18.16
C TYR B 30 26.23 13.46 17.65
N GLU B 31 25.08 13.01 17.15
CA GLU B 31 24.06 13.93 16.66
C GLU B 31 23.53 14.85 17.75
N THR B 32 23.53 14.36 18.99
CA THR B 32 23.04 15.16 20.13
C THR B 32 24.20 15.91 20.76
N SER B 33 25.29 15.20 21.01
CA SER B 33 26.49 15.79 21.61
C SER B 33 26.92 16.97 20.74
N GLY B 34 27.13 16.69 19.45
CA GLY B 34 27.55 17.74 18.51
C GLY B 34 26.69 19.00 18.57
N VAL B 35 25.38 18.84 18.56
CA VAL B 35 24.49 19.98 18.59
C VAL B 35 24.61 20.75 19.91
N ASP B 36 24.76 20.05 21.02
CA ASP B 36 24.89 20.74 22.31
C ASP B 36 26.18 21.52 22.35
N ILE B 37 27.27 20.87 21.93
CA ILE B 37 28.59 21.52 21.90
C ILE B 37 28.56 22.77 21.04
N LEU B 38 27.97 22.67 19.85
CA LEU B 38 27.91 23.80 18.94
C LEU B 38 26.96 24.89 19.45
N VAL B 39 25.79 24.50 19.95
CA VAL B 39 24.85 25.48 20.45
C VAL B 39 25.45 26.22 21.65
N LYS B 40 26.18 25.50 22.48
CA LYS B 40 26.82 26.08 23.66
C LYS B 40 27.88 27.10 23.21
N PHE B 41 28.75 26.69 22.30
CA PHE B 41 29.80 27.56 21.79
C PHE B 41 29.23 28.83 21.16
N PHE B 42 28.22 28.65 20.31
CA PHE B 42 27.59 29.74 19.60
C PHE B 42 26.91 30.78 20.49
N THR B 43 26.11 30.31 21.44
CA THR B 43 25.39 31.20 22.34
C THR B 43 26.29 31.97 23.30
N SER B 44 27.36 31.34 23.76
CA SER B 44 28.26 32.00 24.70
C SER B 44 29.43 32.75 24.08
N THR B 45 29.52 32.76 22.75
CA THR B 45 30.62 33.47 22.10
C THR B 45 30.08 34.33 20.95
N PRO B 46 29.33 35.39 21.30
CA PRO B 46 28.70 36.37 20.39
C PRO B 46 29.57 36.87 19.24
N ALA B 47 30.83 37.14 19.55
CA ALA B 47 31.77 37.65 18.55
C ALA B 47 31.97 36.74 17.35
N ALA B 48 31.81 35.43 17.58
CA ALA B 48 31.97 34.44 16.52
C ALA B 48 30.70 34.12 15.73
N GLN B 49 29.58 34.68 16.17
CA GLN B 49 28.31 34.41 15.52
C GLN B 49 28.19 34.87 14.09
N GLU B 50 28.83 35.99 13.77
CA GLU B 50 28.76 36.52 12.40
C GLU B 50 29.36 35.56 11.37
N PHE B 51 30.06 34.54 11.83
CA PHE B 51 30.67 33.59 10.91
C PHE B 51 29.83 32.40 10.56
N PHE B 52 28.60 32.37 11.07
CA PHE B 52 27.65 31.30 10.78
C PHE B 52 26.48 31.95 10.07
N PRO B 53 26.68 32.35 8.81
CA PRO B 53 25.65 33.00 7.99
C PRO B 53 24.33 32.25 7.97
N LYS B 54 24.40 30.93 7.80
CA LYS B 54 23.19 30.15 7.75
C LYS B 54 22.39 30.14 9.05
N PHE B 55 22.90 30.78 10.10
CA PHE B 55 22.22 30.83 11.38
C PHE B 55 21.56 32.18 11.63
N LYS B 56 21.61 33.08 10.65
CA LYS B 56 21.00 34.41 10.80
C LYS B 56 19.58 34.29 11.31
N GLY B 57 19.21 35.12 12.28
CA GLY B 57 17.86 35.05 12.81
C GLY B 57 17.74 34.16 14.04
N LEU B 58 18.46 33.04 14.04
CA LEU B 58 18.44 32.12 15.18
C LEU B 58 19.10 32.80 16.38
N THR B 59 18.50 32.64 17.56
CA THR B 59 19.02 33.25 18.78
C THR B 59 18.85 32.35 20.00
N THR B 60 17.61 32.01 20.34
CA THR B 60 17.37 31.14 21.49
C THR B 60 18.05 29.80 21.23
N ALA B 61 18.54 29.16 22.29
CA ALA B 61 19.20 27.87 22.15
C ALA B 61 18.18 26.83 21.67
N ASP B 62 16.90 27.12 21.89
CA ASP B 62 15.84 26.22 21.49
C ASP B 62 15.66 26.23 19.99
N GLN B 63 15.70 27.44 19.40
CA GLN B 63 15.56 27.58 17.95
C GLN B 63 16.67 26.83 17.23
N LEU B 64 17.90 27.04 17.72
CA LEU B 64 19.07 26.40 17.15
C LEU B 64 18.93 24.89 17.12
N LYS B 65 18.69 24.27 18.29
CA LYS B 65 18.57 22.82 18.34
C LYS B 65 17.55 22.25 17.36
N LYS B 66 16.70 23.12 16.83
CA LYS B 66 15.68 22.68 15.89
C LYS B 66 16.02 22.92 14.42
N SER B 67 16.92 23.85 14.16
CA SER B 67 17.34 24.15 12.79
C SER B 67 18.13 23.00 12.19
N ALA B 68 17.79 22.60 10.97
CA ALA B 68 18.51 21.51 10.32
C ALA B 68 19.90 21.96 9.91
N ASP B 69 20.04 23.26 9.69
CA ASP B 69 21.32 23.81 9.31
C ASP B 69 22.32 23.68 10.45
N VAL B 70 21.87 23.97 11.66
CA VAL B 70 22.70 23.87 12.84
C VAL B 70 23.10 22.41 13.08
N ARG B 71 22.13 21.50 12.98
CA ARG B 71 22.40 20.09 13.20
C ARG B 71 23.42 19.50 12.24
N TRP B 72 23.33 19.90 10.97
CA TRP B 72 24.24 19.39 9.92
C TRP B 72 25.65 19.90 10.17
N HIS B 73 25.77 21.18 10.48
CA HIS B 73 27.05 21.80 10.74
C HIS B 73 27.70 21.15 11.96
N ALA B 74 26.91 20.87 12.98
CA ALA B 74 27.40 20.23 14.20
C ALA B 74 27.83 18.79 13.95
N GLU B 75 27.04 18.06 13.17
CA GLU B 75 27.38 16.68 12.85
C GLU B 75 28.69 16.56 12.07
N ARG B 76 28.93 17.52 11.18
CA ARG B 76 30.15 17.54 10.38
C ARG B 76 31.36 17.84 11.24
N ILE B 77 31.23 18.86 12.09
CA ILE B 77 32.32 19.25 12.98
C ILE B 77 32.68 18.11 13.92
N ILE B 78 31.67 17.58 14.58
CA ILE B 78 31.88 16.49 15.53
C ILE B 78 32.49 15.24 14.88
N ASN B 79 32.20 14.99 13.60
CA ASN B 79 32.76 13.84 12.91
C ASN B 79 34.21 14.09 12.46
N ALA B 80 34.57 15.36 12.33
CA ALA B 80 35.91 15.71 11.92
C ALA B 80 36.80 15.34 13.10
N VAL B 81 36.36 15.69 14.30
CA VAL B 81 37.11 15.37 15.51
C VAL B 81 37.25 13.88 15.60
N ASN B 82 36.16 13.17 15.31
CA ASN B 82 36.17 11.72 15.36
C ASN B 82 37.22 11.14 14.40
N ASP B 83 37.33 11.72 13.22
CA ASP B 83 38.31 11.25 12.26
C ASP B 83 39.69 11.40 12.87
N ALA B 84 39.92 12.51 13.55
CA ALA B 84 41.20 12.75 14.16
C ALA B 84 41.43 11.66 15.22
N VAL B 85 40.42 11.43 16.06
CA VAL B 85 40.55 10.42 17.11
C VAL B 85 40.86 9.04 16.52
N ALA B 86 40.23 8.74 15.39
CA ALA B 86 40.46 7.47 14.75
C ALA B 86 41.82 7.37 14.09
N SER B 87 42.53 8.49 13.99
CA SER B 87 43.85 8.49 13.34
C SER B 87 45.02 8.78 14.24
N MET B 88 44.84 8.79 15.55
CA MET B 88 45.95 9.08 16.44
C MET B 88 47.18 8.18 16.18
N ASP B 89 46.96 7.03 15.57
CA ASP B 89 48.06 6.12 15.28
C ASP B 89 48.70 6.36 13.93
N ASP B 90 48.10 7.23 13.14
CA ASP B 90 48.61 7.55 11.81
C ASP B 90 48.56 9.07 11.74
N THR B 91 49.48 9.70 12.45
CA THR B 91 49.56 11.15 12.52
C THR B 91 49.73 11.80 11.15
N GLU B 92 50.19 11.03 10.17
CA GLU B 92 50.38 11.55 8.83
C GLU B 92 49.04 11.72 8.13
N LYS B 93 48.16 10.74 8.29
CA LYS B 93 46.84 10.79 7.69
C LYS B 93 46.04 11.88 8.37
N MET B 94 46.18 11.99 9.69
CA MET B 94 45.49 13.01 10.48
C MET B 94 45.82 14.41 9.96
N SER B 95 47.08 14.64 9.60
CA SER B 95 47.51 15.93 9.10
C SER B 95 46.91 16.26 7.73
N MET B 96 47.04 15.36 6.76
CA MET B 96 46.52 15.61 5.43
C MET B 96 45.07 16.06 5.47
N LYS B 97 44.25 15.30 6.17
CA LYS B 97 42.82 15.61 6.27
C LYS B 97 42.55 16.96 6.90
N LEU B 98 43.24 17.28 7.99
CA LEU B 98 43.04 18.55 8.66
C LEU B 98 43.59 19.73 7.86
N ARG B 99 44.75 19.59 7.25
CA ARG B 99 45.33 20.69 6.47
C ARG B 99 44.37 21.05 5.36
N ASP B 100 43.77 20.02 4.78
CA ASP B 100 42.81 20.23 3.71
C ASP B 100 41.66 21.07 4.26
N LEU B 101 41.18 20.67 5.43
CA LEU B 101 40.10 21.33 6.11
C LEU B 101 40.49 22.75 6.48
N SER B 102 41.77 22.95 6.78
CA SER B 102 42.27 24.27 7.14
C SER B 102 42.08 25.20 5.95
N GLY B 103 42.49 24.72 4.78
CA GLY B 103 42.34 25.49 3.57
C GLY B 103 40.92 25.92 3.30
N LYS B 104 39.95 25.03 3.54
CA LYS B 104 38.55 25.38 3.31
C LYS B 104 38.09 26.51 4.23
N HIS B 105 38.52 26.45 5.48
CA HIS B 105 38.13 27.47 6.43
C HIS B 105 38.71 28.83 6.07
N ALA B 106 39.93 28.83 5.57
CA ALA B 106 40.59 30.07 5.23
C ALA B 106 40.21 30.64 3.88
N LYS B 107 40.09 29.79 2.87
CA LYS B 107 39.76 30.24 1.51
C LYS B 107 38.29 30.35 1.15
N SER B 108 37.43 29.56 1.79
CA SER B 108 36.02 29.59 1.44
C SER B 108 35.08 30.12 2.52
N PHE B 109 35.13 29.49 3.69
CA PHE B 109 34.27 29.89 4.80
C PHE B 109 34.73 31.22 5.37
N GLN B 110 36.01 31.53 5.18
CA GLN B 110 36.57 32.78 5.67
C GLN B 110 36.28 32.99 7.15
N VAL B 111 36.65 32.02 7.99
CA VAL B 111 36.41 32.16 9.41
C VAL B 111 37.66 32.66 10.11
N ASP B 112 37.47 33.50 11.12
CA ASP B 112 38.56 34.04 11.91
C ASP B 112 39.23 32.84 12.59
N PRO B 113 40.54 32.64 12.37
CA PRO B 113 41.24 31.50 12.97
C PRO B 113 41.31 31.42 14.50
N GLN B 114 41.02 32.52 15.17
CA GLN B 114 41.12 32.54 16.62
C GLN B 114 40.11 31.71 17.40
N TYR B 115 38.95 31.44 16.81
CA TYR B 115 37.92 30.67 17.51
C TYR B 115 38.09 29.15 17.54
N PHE B 116 38.97 28.61 16.68
CA PHE B 116 39.18 27.17 16.66
C PHE B 116 39.41 26.65 18.08
N LYS B 117 40.30 27.29 18.82
CA LYS B 117 40.59 26.84 20.19
C LYS B 117 39.45 27.09 21.17
N VAL B 118 38.66 28.15 20.95
CA VAL B 118 37.53 28.43 21.83
C VAL B 118 36.53 27.29 21.75
N LEU B 119 36.22 26.85 20.53
CA LEU B 119 35.30 25.75 20.33
C LEU B 119 35.93 24.44 20.78
N ALA B 120 37.23 24.31 20.55
CA ALA B 120 37.93 23.08 20.94
C ALA B 120 37.79 22.87 22.43
N ALA B 121 37.79 23.98 23.18
CA ALA B 121 37.67 23.94 24.63
C ALA B 121 36.32 23.38 25.06
N VAL B 122 35.26 23.82 24.39
CA VAL B 122 33.92 23.35 24.71
C VAL B 122 33.84 21.85 24.45
N ILE B 123 34.45 21.40 23.37
CA ILE B 123 34.46 19.98 23.03
C ILE B 123 35.24 19.24 24.13
N ALA B 124 36.30 19.85 24.64
CA ALA B 124 37.11 19.22 25.68
C ALA B 124 36.37 19.10 27.00
N ASP B 125 35.66 20.15 27.40
CA ASP B 125 34.89 20.11 28.64
C ASP B 125 33.87 18.99 28.59
N THR B 126 33.11 18.97 27.51
CA THR B 126 32.07 17.99 27.32
C THR B 126 32.58 16.54 27.31
N VAL B 127 33.64 16.29 26.57
CA VAL B 127 34.18 14.94 26.45
C VAL B 127 34.97 14.42 27.66
N ALA B 128 35.99 15.18 28.08
CA ALA B 128 36.81 14.78 29.20
C ALA B 128 37.41 16.01 29.89
N ALA B 129 36.56 16.75 30.59
CA ALA B 129 36.99 17.94 31.29
C ALA B 129 38.19 17.66 32.16
N GLY B 130 39.21 18.50 32.02
CA GLY B 130 40.40 18.33 32.81
C GLY B 130 41.50 17.45 32.24
N ASP B 131 41.15 16.46 31.44
CA ASP B 131 42.18 15.59 30.91
C ASP B 131 43.15 16.32 30.01
N ALA B 132 44.43 16.27 30.37
CA ALA B 132 45.47 16.95 29.60
C ALA B 132 45.68 16.24 28.27
N GLY B 133 45.60 14.91 28.31
CA GLY B 133 45.78 14.14 27.08
C GLY B 133 44.82 14.58 25.97
N PHE B 134 43.54 14.70 26.32
CA PHE B 134 42.54 15.11 25.36
C PHE B 134 42.82 16.55 24.91
N GLU B 135 43.30 17.39 25.83
CA GLU B 135 43.62 18.78 25.49
C GLU B 135 44.77 18.81 24.49
N LYS B 136 45.63 17.82 24.58
CA LYS B 136 46.77 17.72 23.70
C LYS B 136 46.27 17.39 22.30
N LEU B 137 45.29 16.50 22.22
CA LEU B 137 44.72 16.09 20.94
C LEU B 137 44.00 17.27 20.30
N MET B 138 43.34 18.11 21.10
CA MET B 138 42.64 19.28 20.57
C MET B 138 43.64 20.33 20.07
N SER B 139 44.80 20.38 20.72
CA SER B 139 45.84 21.32 20.32
C SER B 139 46.39 20.98 18.94
N MET B 140 46.61 19.69 18.71
CA MET B 140 47.10 19.24 17.41
C MET B 140 46.11 19.67 16.34
N ILE B 141 44.82 19.47 16.61
CA ILE B 141 43.76 19.82 15.68
C ILE B 141 43.71 21.32 15.41
N CYS B 142 43.85 22.14 16.44
CA CYS B 142 43.81 23.57 16.24
C CYS B 142 45.04 24.07 15.50
N ILE B 143 46.21 23.53 15.83
CA ILE B 143 47.42 23.93 15.15
C ILE B 143 47.32 23.61 13.66
N LEU B 144 46.79 22.43 13.34
CA LEU B 144 46.65 22.06 11.93
C LEU B 144 45.55 22.86 11.23
N LEU B 145 44.48 23.19 11.95
CA LEU B 145 43.39 23.96 11.38
C LEU B 145 43.81 25.38 11.01
N ARG B 146 44.91 25.84 11.58
CA ARG B 146 45.39 27.19 11.29
C ARG B 146 46.55 27.16 10.32
N SER B 147 46.97 25.97 9.89
CA SER B 147 48.11 25.86 8.98
C SER B 147 47.92 26.50 7.61
N ALA B 148 46.69 26.68 7.17
CA ALA B 148 46.46 27.28 5.86
C ALA B 148 46.37 28.81 5.93
N TYR B 149 46.19 29.35 7.13
CA TYR B 149 46.10 30.79 7.28
C TYR B 149 47.48 31.40 7.22
N PRO C 1 5.40 -5.74 41.04
CA PRO C 1 4.69 -7.00 41.37
C PRO C 1 3.25 -6.95 40.86
N ILE C 2 2.65 -8.12 40.67
CA ILE C 2 1.28 -8.23 40.18
C ILE C 2 0.24 -8.01 41.27
N VAL C 3 -0.71 -7.12 41.03
CA VAL C 3 -1.77 -6.82 42.00
C VAL C 3 -3.13 -7.23 41.47
N ASP C 4 -4.05 -7.56 42.37
CA ASP C 4 -5.38 -7.99 41.96
C ASP C 4 -6.47 -7.13 42.62
N THR C 5 -6.09 -5.91 43.01
CA THR C 5 -7.01 -4.97 43.64
C THR C 5 -6.72 -3.57 43.16
N GLY C 6 -7.66 -2.67 43.37
CA GLY C 6 -7.45 -1.29 42.97
C GLY C 6 -7.44 -1.03 41.49
N SER C 7 -6.46 -0.25 41.06
CA SER C 7 -6.34 0.12 39.66
C SER C 7 -4.88 0.22 39.25
N VAL C 8 -4.60 0.09 37.95
CA VAL C 8 -3.25 0.22 37.44
C VAL C 8 -3.26 1.18 36.26
N ALA C 9 -2.19 1.94 36.11
CA ALA C 9 -2.08 2.92 35.03
C ALA C 9 -2.17 2.26 33.68
N PRO C 10 -2.67 3.00 32.67
CA PRO C 10 -2.80 2.47 31.31
C PRO C 10 -1.49 1.93 30.74
N LEU C 11 -1.57 1.15 29.68
CA LEU C 11 -0.37 0.60 29.06
C LEU C 11 0.13 1.61 28.04
N SER C 12 1.44 1.87 28.05
CA SER C 12 2.03 2.80 27.10
C SER C 12 2.30 2.06 25.80
N ALA C 13 2.40 2.81 24.70
CA ALA C 13 2.65 2.20 23.41
C ALA C 13 3.93 1.36 23.46
N ALA C 14 4.88 1.83 24.26
CA ALA C 14 6.15 1.15 24.42
C ALA C 14 5.95 -0.22 25.08
N GLU C 15 5.18 -0.24 26.16
CA GLU C 15 4.92 -1.48 26.90
C GLU C 15 4.14 -2.49 26.05
N LYS C 16 3.17 -2.00 25.29
CA LYS C 16 2.38 -2.89 24.45
C LYS C 16 3.28 -3.60 23.45
N THR C 17 4.24 -2.85 22.89
CA THR C 17 5.17 -3.41 21.93
C THR C 17 6.02 -4.54 22.49
N LYS C 18 6.56 -4.32 23.68
CA LYS C 18 7.38 -5.34 24.31
C LYS C 18 6.53 -6.58 24.60
N ILE C 19 5.34 -6.33 25.13
CA ILE C 19 4.41 -7.43 25.46
C ILE C 19 4.12 -8.29 24.22
N ARG C 20 3.73 -7.63 23.13
CA ARG C 20 3.45 -8.36 21.90
C ARG C 20 4.66 -9.23 21.50
N SER C 21 5.87 -8.69 21.67
CA SER C 21 7.10 -9.41 21.32
C SER C 21 7.32 -10.62 22.20
N ALA C 22 7.32 -10.41 23.51
CA ALA C 22 7.51 -11.51 24.44
C ALA C 22 6.43 -12.58 24.30
N TRP C 23 5.22 -12.15 23.93
CA TRP C 23 4.09 -13.06 23.79
C TRP C 23 4.16 -13.94 22.55
N ALA C 24 4.38 -13.33 21.38
CA ALA C 24 4.44 -14.06 20.10
C ALA C 24 5.04 -15.49 20.20
N PRO C 25 6.30 -15.60 20.68
CA PRO C 25 6.95 -16.92 20.80
C PRO C 25 6.18 -17.89 21.69
N VAL C 26 5.81 -17.42 22.89
CA VAL C 26 5.08 -18.25 23.83
C VAL C 26 3.74 -18.76 23.30
N TYR C 27 2.92 -17.86 22.74
CA TYR C 27 1.63 -18.25 22.21
C TYR C 27 1.78 -19.10 20.94
N SER C 28 2.90 -18.92 20.25
CA SER C 28 3.18 -19.65 19.02
C SER C 28 3.07 -21.16 19.24
N THR C 29 3.38 -21.62 20.45
CA THR C 29 3.30 -23.02 20.79
C THR C 29 2.57 -23.12 22.14
N TYR C 30 1.43 -22.44 22.22
CA TYR C 30 0.64 -22.37 23.43
C TYR C 30 0.24 -23.69 24.06
N GLU C 31 0.09 -24.73 23.25
CA GLU C 31 -0.31 -26.04 23.77
C GLU C 31 0.73 -26.61 24.72
N THR C 32 1.99 -26.25 24.50
CA THR C 32 3.09 -26.73 25.36
C THR C 32 3.31 -25.75 26.49
N SER C 33 3.44 -24.47 26.12
CA SER C 33 3.65 -23.41 27.09
C SER C 33 2.57 -23.49 28.15
N GLY C 34 1.31 -23.44 27.71
CA GLY C 34 0.20 -23.50 28.63
C GLY C 34 0.26 -24.66 29.62
N VAL C 35 0.56 -25.85 29.12
CA VAL C 35 0.64 -27.01 29.99
C VAL C 35 1.77 -26.90 31.02
N ASP C 36 2.92 -26.36 30.60
CA ASP C 36 4.04 -26.22 31.54
C ASP C 36 3.65 -25.22 32.62
N ILE C 37 3.11 -24.08 32.20
CA ILE C 37 2.71 -23.03 33.13
C ILE C 37 1.70 -23.56 34.14
N LEU C 38 0.72 -24.32 33.67
CA LEU C 38 -0.30 -24.85 34.54
C LEU C 38 0.24 -25.95 35.44
N VAL C 39 1.05 -26.83 34.88
CA VAL C 39 1.62 -27.93 35.66
C VAL C 39 2.54 -27.38 36.75
N LYS C 40 3.29 -26.33 36.41
CA LYS C 40 4.19 -25.68 37.35
C LYS C 40 3.39 -25.07 38.50
N PHE C 41 2.38 -24.27 38.16
CA PHE C 41 1.52 -23.63 39.15
C PHE C 41 0.85 -24.64 40.08
N PHE C 42 0.30 -25.69 39.49
CA PHE C 42 -0.41 -26.72 40.24
C PHE C 42 0.48 -27.50 41.23
N THR C 43 1.63 -27.95 40.75
CA THR C 43 2.53 -28.72 41.59
C THR C 43 3.16 -27.92 42.73
N SER C 44 3.47 -26.65 42.47
CA SER C 44 4.07 -25.82 43.52
C SER C 44 3.09 -25.05 44.40
N THR C 45 1.79 -25.22 44.20
CA THR C 45 0.84 -24.50 45.02
C THR C 45 -0.26 -25.45 45.49
N PRO C 46 0.10 -26.39 46.36
CA PRO C 46 -0.77 -27.43 46.95
C PRO C 46 -2.14 -26.94 47.43
N ALA C 47 -2.16 -25.78 48.06
CA ALA C 47 -3.40 -25.22 48.60
C ALA C 47 -4.48 -24.99 47.54
N ALA C 48 -4.06 -24.73 46.31
CA ALA C 48 -4.97 -24.47 45.20
C ALA C 48 -5.42 -25.71 44.44
N GLN C 49 -4.81 -26.85 44.74
CA GLN C 49 -5.13 -28.09 44.06
C GLN C 49 -6.56 -28.59 44.21
N GLU C 50 -7.15 -28.36 45.37
CA GLU C 50 -8.52 -28.82 45.59
C GLU C 50 -9.52 -28.18 44.64
N PHE C 51 -9.08 -27.13 43.93
CA PHE C 51 -9.97 -26.44 43.01
C PHE C 51 -9.96 -26.97 41.59
N PHE C 52 -9.18 -28.03 41.37
CA PHE C 52 -9.12 -28.67 40.06
C PHE C 52 -9.64 -30.09 40.23
N PRO C 53 -10.96 -30.25 40.44
CA PRO C 53 -11.61 -31.55 40.64
C PRO C 53 -11.24 -32.56 39.58
N LYS C 54 -11.24 -32.15 38.33
CA LYS C 54 -10.92 -33.06 37.24
C LYS C 54 -9.48 -33.58 37.29
N PHE C 55 -8.68 -33.09 38.24
CA PHE C 55 -7.29 -33.52 38.36
C PHE C 55 -7.08 -34.50 39.53
N LYS C 56 -8.16 -34.88 40.20
CA LYS C 56 -8.06 -35.81 41.33
C LYS C 56 -7.23 -37.03 40.93
N GLY C 57 -6.33 -37.46 41.82
CA GLY C 57 -5.51 -38.61 41.50
C GLY C 57 -4.17 -38.25 40.86
N LEU C 58 -4.19 -37.24 39.99
CA LEU C 58 -2.96 -36.79 39.33
C LEU C 58 -2.03 -36.15 40.38
N THR C 59 -0.75 -36.47 40.30
CA THR C 59 0.24 -35.94 41.25
C THR C 59 1.58 -35.63 40.59
N THR C 60 2.22 -36.65 40.01
CA THR C 60 3.49 -36.42 39.35
C THR C 60 3.29 -35.43 38.20
N ALA C 61 4.30 -34.62 37.92
CA ALA C 61 4.19 -33.64 36.83
C ALA C 61 4.09 -34.39 35.51
N ASP C 62 4.55 -35.64 35.50
CA ASP C 62 4.51 -36.45 34.30
C ASP C 62 3.08 -36.89 33.97
N GLN C 63 2.35 -37.31 35.00
CA GLN C 63 0.96 -37.74 34.83
C GLN C 63 0.12 -36.58 34.27
N LEU C 64 0.29 -35.40 34.86
CA LEU C 64 -0.41 -34.21 34.45
C LEU C 64 -0.21 -33.91 32.96
N LYS C 65 1.05 -33.74 32.54
CA LYS C 65 1.32 -33.42 31.13
C LYS C 65 0.67 -34.39 30.15
N LYS C 66 0.25 -35.55 30.65
CA LYS C 66 -0.38 -36.56 29.81
C LYS C 66 -1.90 -36.57 29.85
N SER C 67 -2.49 -36.02 30.92
CA SER C 67 -3.94 -35.96 31.05
C SER C 67 -4.54 -34.97 30.04
N ALA C 68 -5.59 -35.41 29.34
CA ALA C 68 -6.22 -34.54 28.35
C ALA C 68 -7.00 -33.44 29.06
N ASP C 69 -7.43 -33.71 30.29
CA ASP C 69 -8.15 -32.73 31.07
C ASP C 69 -7.25 -31.56 31.39
N VAL C 70 -6.02 -31.87 31.79
CA VAL C 70 -5.05 -30.84 32.13
C VAL C 70 -4.71 -30.00 30.90
N ARG C 71 -4.46 -30.66 29.77
CA ARG C 71 -4.11 -29.94 28.54
C ARG C 71 -5.20 -28.99 28.05
N TRP C 72 -6.45 -29.43 28.17
CA TRP C 72 -7.60 -28.62 27.74
C TRP C 72 -7.74 -27.38 28.61
N HIS C 73 -7.67 -27.58 29.92
CA HIS C 73 -7.77 -26.50 30.89
C HIS C 73 -6.65 -25.47 30.66
N ALA C 74 -5.44 -25.97 30.37
CA ALA C 74 -4.30 -25.11 30.14
C ALA C 74 -4.43 -24.35 28.83
N GLU C 75 -4.95 -25.02 27.80
CA GLU C 75 -5.12 -24.38 26.50
C GLU C 75 -6.17 -23.25 26.57
N ARG C 76 -7.20 -23.45 27.39
CA ARG C 76 -8.24 -22.44 27.53
C ARG C 76 -7.69 -21.23 28.31
N ILE C 77 -6.99 -21.49 29.42
CA ILE C 77 -6.42 -20.42 30.23
C ILE C 77 -5.43 -19.60 29.43
N ILE C 78 -4.52 -20.28 28.76
CA ILE C 78 -3.50 -19.62 27.98
C ILE C 78 -4.10 -18.78 26.84
N ASN C 79 -5.22 -19.22 26.28
CA ASN C 79 -5.87 -18.48 25.18
C ASN C 79 -6.65 -17.26 25.69
N ALA C 80 -7.04 -17.32 26.96
CA ALA C 80 -7.76 -16.21 27.56
C ALA C 80 -6.77 -15.07 27.65
N VAL C 81 -5.56 -15.38 28.13
CA VAL C 81 -4.53 -14.36 28.26
C VAL C 81 -4.27 -13.79 26.88
N ASN C 82 -4.22 -14.68 25.89
CA ASN C 82 -3.98 -14.24 24.52
C ASN C 82 -5.02 -13.25 24.02
N ASP C 83 -6.28 -13.49 24.39
CA ASP C 83 -7.38 -12.61 24.00
C ASP C 83 -7.12 -11.24 24.60
N ALA C 84 -6.67 -11.24 25.85
CA ALA C 84 -6.37 -9.98 26.52
C ALA C 84 -5.28 -9.26 25.76
N VAL C 85 -4.20 -9.99 25.44
CA VAL C 85 -3.07 -9.41 24.71
C VAL C 85 -3.52 -8.83 23.37
N ALA C 86 -4.43 -9.54 22.70
CA ALA C 86 -4.92 -9.08 21.42
C ALA C 86 -5.85 -7.87 21.57
N SER C 87 -6.26 -7.56 22.79
CA SER C 87 -7.18 -6.44 23.01
C SER C 87 -6.62 -5.25 23.75
N MET C 88 -5.31 -5.18 23.96
CA MET C 88 -4.74 -4.06 24.69
C MET C 88 -5.14 -2.72 24.09
N ASP C 89 -5.54 -2.70 22.83
CA ASP C 89 -5.92 -1.46 22.18
C ASP C 89 -7.40 -1.17 22.29
N ASP C 90 -8.14 -2.12 22.82
CA ASP C 90 -9.58 -1.97 23.01
C ASP C 90 -9.83 -2.46 24.43
N THR C 91 -9.46 -1.63 25.38
CA THR C 91 -9.60 -1.96 26.79
C THR C 91 -11.05 -2.24 27.18
N GLU C 92 -11.98 -1.75 26.38
CA GLU C 92 -13.40 -1.95 26.66
C GLU C 92 -13.82 -3.39 26.36
N LYS C 93 -13.32 -3.92 25.25
CA LYS C 93 -13.61 -5.29 24.84
C LYS C 93 -12.92 -6.23 25.82
N MET C 94 -11.70 -5.88 26.21
CA MET C 94 -10.94 -6.70 27.14
C MET C 94 -11.69 -6.88 28.45
N SER C 95 -12.35 -5.82 28.91
CA SER C 95 -13.13 -5.84 30.15
C SER C 95 -14.35 -6.74 30.07
N MET C 96 -15.18 -6.54 29.05
CA MET C 96 -16.38 -7.34 28.91
C MET C 96 -16.08 -8.84 28.99
N LYS C 97 -15.13 -9.28 28.19
CA LYS C 97 -14.76 -10.68 28.14
C LYS C 97 -14.27 -11.20 29.48
N LEU C 98 -13.42 -10.45 30.14
CA LEU C 98 -12.90 -10.88 31.43
C LEU C 98 -13.93 -10.86 32.55
N ARG C 99 -14.78 -9.83 32.58
CA ARG C 99 -15.81 -9.75 33.62
C ARG C 99 -16.71 -10.96 33.48
N ASP C 100 -17.00 -11.32 32.25
CA ASP C 100 -17.84 -12.47 32.00
C ASP C 100 -17.17 -13.69 32.63
N LEU C 101 -15.87 -13.82 32.34
CA LEU C 101 -15.06 -14.91 32.83
C LEU C 101 -14.98 -14.89 34.36
N SER C 102 -14.97 -13.69 34.91
CA SER C 102 -14.94 -13.53 36.36
C SER C 102 -16.17 -14.21 36.95
N GLY C 103 -17.33 -13.89 36.36
CA GLY C 103 -18.59 -14.44 36.83
C GLY C 103 -18.58 -15.94 36.85
N LYS C 104 -18.02 -16.55 35.81
CA LYS C 104 -17.98 -18.02 35.75
C LYS C 104 -17.14 -18.61 36.87
N HIS C 105 -16.00 -17.98 37.16
CA HIS C 105 -15.15 -18.49 38.20
C HIS C 105 -15.82 -18.40 39.56
N ALA C 106 -16.54 -17.31 39.78
CA ALA C 106 -17.20 -17.11 41.06
C ALA C 106 -18.50 -17.88 41.24
N LYS C 107 -19.33 -17.92 40.20
CA LYS C 107 -20.63 -18.60 40.30
C LYS C 107 -20.66 -20.09 39.99
N SER C 108 -19.75 -20.56 39.14
CA SER C 108 -19.78 -21.96 38.76
C SER C 108 -18.60 -22.79 39.22
N PHE C 109 -17.40 -22.38 38.84
CA PHE C 109 -16.20 -23.10 39.23
C PHE C 109 -15.93 -22.93 40.73
N GLN C 110 -16.44 -21.83 41.30
CA GLN C 110 -16.25 -21.58 42.72
C GLN C 110 -14.77 -21.64 43.14
N VAL C 111 -13.93 -20.87 42.46
CA VAL C 111 -12.52 -20.90 42.80
C VAL C 111 -12.21 -19.73 43.73
N ASP C 112 -11.30 -19.98 44.67
CA ASP C 112 -10.85 -18.95 45.61
C ASP C 112 -10.18 -17.86 44.76
N PRO C 113 -10.67 -16.62 44.84
CA PRO C 113 -10.09 -15.53 44.06
C PRO C 113 -8.63 -15.17 44.31
N GLN C 114 -8.05 -15.65 45.41
CA GLN C 114 -6.66 -15.29 45.72
C GLN C 114 -5.57 -15.85 44.82
N TYR C 115 -5.83 -16.99 44.18
CA TYR C 115 -4.83 -17.61 43.32
C TYR C 115 -4.63 -17.00 41.94
N PHE C 116 -5.59 -16.20 41.48
CA PHE C 116 -5.46 -15.59 40.16
C PHE C 116 -4.08 -14.98 39.98
N LYS C 117 -3.64 -14.20 40.96
CA LYS C 117 -2.33 -13.55 40.88
C LYS C 117 -1.15 -14.52 41.03
N VAL C 118 -1.36 -15.60 41.79
CA VAL C 118 -0.29 -16.59 41.95
C VAL C 118 0.04 -17.19 40.57
N LEU C 119 -1.01 -17.61 39.85
CA LEU C 119 -0.85 -18.20 38.52
C LEU C 119 -0.39 -17.13 37.52
N ALA C 120 -0.89 -15.91 37.68
CA ALA C 120 -0.51 -14.82 36.79
C ALA C 120 1.00 -14.64 36.83
N ALA C 121 1.56 -14.79 38.02
CA ALA C 121 3.00 -14.67 38.24
C ALA C 121 3.80 -15.71 37.45
N VAL C 122 3.33 -16.95 37.49
CA VAL C 122 3.99 -18.02 36.76
C VAL C 122 3.97 -17.70 35.27
N ILE C 123 2.85 -17.17 34.80
CA ILE C 123 2.71 -16.82 33.39
C ILE C 123 3.70 -15.71 33.08
N ALA C 124 3.88 -14.81 34.04
CA ALA C 124 4.79 -13.67 33.85
C ALA C 124 6.26 -14.10 33.79
N ASP C 125 6.66 -15.03 34.67
CA ASP C 125 8.04 -15.50 34.67
C ASP C 125 8.36 -16.14 33.35
N THR C 126 7.49 -17.05 32.94
CA THR C 126 7.67 -17.77 31.70
C THR C 126 7.75 -16.89 30.46
N VAL C 127 6.83 -15.94 30.35
CA VAL C 127 6.79 -15.07 29.17
C VAL C 127 7.84 -13.98 29.13
N ALA C 128 7.92 -13.18 30.18
CA ALA C 128 8.88 -12.08 30.23
C ALA C 128 9.21 -11.74 31.66
N ALA C 129 9.98 -12.61 32.30
CA ALA C 129 10.40 -12.44 33.67
C ALA C 129 11.03 -11.06 33.87
N GLY C 130 10.56 -10.37 34.90
CA GLY C 130 11.08 -9.05 35.20
C GLY C 130 10.41 -7.88 34.51
N ASP C 131 9.81 -8.08 33.35
CA ASP C 131 9.18 -6.95 32.67
C ASP C 131 8.01 -6.40 33.46
N ALA C 132 8.07 -5.12 33.80
CA ALA C 132 7.01 -4.47 34.56
C ALA C 132 5.79 -4.31 33.66
N GLY C 133 6.02 -3.99 32.39
CA GLY C 133 4.92 -3.81 31.46
C GLY C 133 4.01 -5.01 31.43
N PHE C 134 4.60 -6.20 31.28
CA PHE C 134 3.83 -7.44 31.25
C PHE C 134 3.15 -7.67 32.61
N GLU C 135 3.81 -7.28 33.69
CA GLU C 135 3.23 -7.44 35.02
C GLU C 135 2.00 -6.55 35.15
N LYS C 136 2.02 -5.43 34.45
CA LYS C 136 0.93 -4.48 34.48
C LYS C 136 -0.26 -5.10 33.77
N LEU C 137 -0.01 -5.77 32.64
CA LEU C 137 -1.05 -6.44 31.87
C LEU C 137 -1.68 -7.58 32.69
N MET C 138 -0.86 -8.27 33.49
CA MET C 138 -1.39 -9.37 34.31
C MET C 138 -2.23 -8.82 35.45
N SER C 139 -1.89 -7.61 35.91
CA SER C 139 -2.63 -6.99 37.00
C SER C 139 -4.03 -6.62 36.54
N MET C 140 -4.11 -6.09 35.33
CA MET C 140 -5.39 -5.72 34.79
C MET C 140 -6.28 -6.97 34.74
N ILE C 141 -5.71 -8.07 34.26
CA ILE C 141 -6.43 -9.33 34.15
C ILE C 141 -6.88 -9.87 35.50
N CYS C 142 -6.03 -9.77 36.51
CA CYS C 142 -6.42 -10.27 37.82
C CYS C 142 -7.49 -9.39 38.46
N ILE C 143 -7.35 -8.07 38.31
CA ILE C 143 -8.33 -7.15 38.90
C ILE C 143 -9.69 -7.42 38.28
N LEU C 144 -9.74 -7.65 36.98
CA LEU C 144 -11.01 -7.92 36.31
C LEU C 144 -11.54 -9.30 36.66
N LEU C 145 -10.65 -10.28 36.82
CA LEU C 145 -11.07 -11.63 37.16
C LEU C 145 -11.70 -11.70 38.53
N ARG C 146 -11.44 -10.69 39.36
CA ARG C 146 -12.01 -10.67 40.71
C ARG C 146 -13.22 -9.75 40.80
N SER C 147 -13.57 -9.10 39.69
CA SER C 147 -14.69 -8.16 39.68
C SER C 147 -16.07 -8.75 39.98
N ALA C 148 -16.26 -10.05 39.77
CA ALA C 148 -17.54 -10.67 40.04
C ALA C 148 -17.66 -11.18 41.47
N TYR C 149 -16.54 -11.29 42.17
CA TYR C 149 -16.57 -11.77 43.54
C TYR C 149 -17.00 -10.64 44.46
N PRO D 1 -27.02 -42.08 7.03
CA PRO D 1 -26.44 -40.75 6.75
C PRO D 1 -26.84 -39.75 7.84
N ILE D 2 -26.03 -38.71 7.99
CA ILE D 2 -26.26 -37.68 9.00
C ILE D 2 -27.33 -36.68 8.59
N VAL D 3 -28.31 -36.45 9.46
CA VAL D 3 -29.38 -35.49 9.16
C VAL D 3 -29.34 -34.31 10.11
N ASP D 4 -29.81 -33.14 9.65
CA ASP D 4 -29.81 -31.95 10.49
C ASP D 4 -31.20 -31.35 10.64
N THR D 5 -32.21 -32.18 10.42
CA THR D 5 -33.62 -31.77 10.52
C THR D 5 -34.44 -32.89 11.13
N GLY D 6 -35.63 -32.54 11.60
CA GLY D 6 -36.49 -33.54 12.18
C GLY D 6 -36.05 -34.09 13.52
N SER D 7 -36.14 -35.41 13.64
CA SER D 7 -35.80 -36.07 14.88
C SER D 7 -35.15 -37.42 14.62
N VAL D 8 -34.35 -37.91 15.57
CA VAL D 8 -33.71 -39.21 15.43
C VAL D 8 -34.01 -40.02 16.69
N ALA D 9 -34.11 -41.33 16.53
CA ALA D 9 -34.41 -42.22 17.65
C ALA D 9 -33.31 -42.17 18.72
N PRO D 10 -33.67 -42.41 19.98
CA PRO D 10 -32.71 -42.39 21.08
C PRO D 10 -31.52 -43.32 20.85
N LEU D 11 -30.46 -43.12 21.61
CA LEU D 11 -29.27 -43.95 21.49
C LEU D 11 -29.45 -45.15 22.40
N SER D 12 -29.17 -46.34 21.87
CA SER D 12 -29.28 -47.57 22.65
C SER D 12 -28.01 -47.73 23.48
N ALA D 13 -28.11 -48.50 24.56
CA ALA D 13 -26.97 -48.74 25.41
C ALA D 13 -25.81 -49.31 24.60
N ALA D 14 -26.18 -50.12 23.61
CA ALA D 14 -25.19 -50.75 22.73
C ALA D 14 -24.44 -49.70 21.89
N GLU D 15 -25.20 -48.75 21.32
CA GLU D 15 -24.60 -47.71 20.50
C GLU D 15 -23.72 -46.80 21.32
N LYS D 16 -24.17 -46.45 22.52
CA LYS D 16 -23.38 -45.56 23.38
C LYS D 16 -22.01 -46.18 23.66
N THR D 17 -22.01 -47.48 23.90
CA THR D 17 -20.77 -48.20 24.19
C THR D 17 -19.78 -48.14 23.05
N LYS D 18 -20.25 -48.38 21.83
CA LYS D 18 -19.37 -48.35 20.65
C LYS D 18 -18.84 -46.93 20.47
N ILE D 19 -19.72 -45.95 20.60
CA ILE D 19 -19.33 -44.55 20.48
C ILE D 19 -18.21 -44.20 21.46
N ARG D 20 -18.42 -44.50 22.73
CA ARG D 20 -17.39 -44.22 23.74
C ARG D 20 -16.06 -44.86 23.35
N SER D 21 -16.11 -46.07 22.78
CA SER D 21 -14.89 -46.77 22.38
C SER D 21 -14.19 -46.07 21.23
N ALA D 22 -14.92 -45.82 20.15
CA ALA D 22 -14.34 -45.17 18.98
C ALA D 22 -13.83 -43.79 19.34
N TRP D 23 -14.51 -43.13 20.28
CA TRP D 23 -14.14 -41.78 20.68
C TRP D 23 -12.85 -41.68 21.50
N ALA D 24 -12.77 -42.50 22.56
CA ALA D 24 -11.59 -42.50 23.45
C ALA D 24 -10.24 -42.23 22.76
N PRO D 25 -9.88 -43.05 21.75
CA PRO D 25 -8.60 -42.85 21.04
C PRO D 25 -8.49 -41.48 20.36
N VAL D 26 -9.54 -41.10 19.63
CA VAL D 26 -9.54 -39.83 18.92
C VAL D 26 -9.40 -38.64 19.87
N TYR D 27 -10.23 -38.59 20.92
CA TYR D 27 -10.16 -37.48 21.86
C TYR D 27 -8.88 -37.48 22.68
N SER D 28 -8.28 -38.65 22.81
CA SER D 28 -7.05 -38.83 23.56
C SER D 28 -5.97 -37.90 23.04
N THR D 29 -6.00 -37.61 21.75
CA THR D 29 -5.04 -36.69 21.14
C THR D 29 -5.83 -35.70 20.28
N TYR D 30 -6.87 -35.12 20.90
CA TYR D 30 -7.76 -34.18 20.22
C TYR D 30 -7.09 -32.99 19.52
N GLU D 31 -5.95 -32.54 20.03
CA GLU D 31 -5.26 -31.41 19.44
C GLU D 31 -4.82 -31.70 18.01
N THR D 32 -4.54 -32.97 17.74
CA THR D 32 -4.08 -33.38 16.40
C THR D 32 -5.28 -33.79 15.56
N SER D 33 -6.12 -34.64 16.14
CA SER D 33 -7.33 -35.11 15.47
C SER D 33 -8.14 -33.90 15.01
N GLY D 34 -8.49 -33.04 15.96
CA GLY D 34 -9.26 -31.84 15.67
C GLY D 34 -8.69 -31.03 14.52
N VAL D 35 -7.39 -30.81 14.50
CA VAL D 35 -6.79 -30.02 13.42
C VAL D 35 -6.89 -30.71 12.07
N ASP D 36 -6.70 -32.03 12.04
CA ASP D 36 -6.82 -32.75 10.78
C ASP D 36 -8.25 -32.68 10.26
N ILE D 37 -9.19 -32.96 11.15
CA ILE D 37 -10.61 -32.93 10.79
C ILE D 37 -11.01 -31.58 10.23
N LEU D 38 -10.59 -30.51 10.89
CA LEU D 38 -10.92 -29.16 10.45
C LEU D 38 -10.18 -28.78 9.17
N VAL D 39 -8.91 -29.14 9.08
CA VAL D 39 -8.13 -28.81 7.87
C VAL D 39 -8.71 -29.56 6.67
N LYS D 40 -9.14 -30.79 6.91
CA LYS D 40 -9.71 -31.60 5.84
C LYS D 40 -11.02 -30.97 5.35
N PHE D 41 -11.90 -30.66 6.30
CA PHE D 41 -13.19 -30.04 5.99
C PHE D 41 -13.02 -28.72 5.23
N PHE D 42 -12.13 -27.88 5.72
CA PHE D 42 -11.88 -26.57 5.13
C PHE D 42 -11.34 -26.62 3.72
N THR D 43 -10.32 -27.43 3.49
CA THR D 43 -9.70 -27.54 2.17
C THR D 43 -10.60 -28.16 1.11
N SER D 44 -11.41 -29.14 1.51
CA SER D 44 -12.29 -29.79 0.56
C SER D 44 -13.69 -29.18 0.42
N THR D 45 -13.97 -28.09 1.12
CA THR D 45 -15.30 -27.48 1.02
C THR D 45 -15.14 -25.97 0.86
N PRO D 46 -14.61 -25.53 -0.29
CA PRO D 46 -14.36 -24.12 -0.65
C PRO D 46 -15.48 -23.15 -0.33
N ALA D 47 -16.71 -23.56 -0.59
CA ALA D 47 -17.87 -22.71 -0.34
C ALA D 47 -18.02 -22.26 1.10
N ALA D 48 -17.53 -23.06 2.04
CA ALA D 48 -17.63 -22.75 3.46
C ALA D 48 -16.44 -21.96 4.00
N GLN D 49 -15.43 -21.75 3.18
CA GLN D 49 -14.24 -21.03 3.61
C GLN D 49 -14.46 -19.58 4.01
N GLU D 50 -15.37 -18.89 3.33
CA GLU D 50 -15.63 -17.50 3.63
C GLU D 50 -16.12 -17.28 5.05
N PHE D 51 -16.50 -18.36 5.73
CA PHE D 51 -17.01 -18.25 7.08
C PHE D 51 -15.96 -18.36 8.16
N PHE D 52 -14.71 -18.47 7.75
CA PHE D 52 -13.60 -18.55 8.70
C PHE D 52 -12.71 -17.35 8.42
N PRO D 53 -13.19 -16.14 8.79
CA PRO D 53 -12.47 -14.88 8.61
C PRO D 53 -11.04 -14.92 9.10
N LYS D 54 -10.83 -15.48 10.28
CA LYS D 54 -9.49 -15.56 10.83
C LYS D 54 -8.52 -16.44 10.03
N PHE D 55 -9.02 -17.08 8.97
CA PHE D 55 -8.17 -17.94 8.15
C PHE D 55 -7.82 -17.29 6.81
N LYS D 56 -8.20 -16.03 6.62
CA LYS D 56 -7.91 -15.32 5.37
C LYS D 56 -6.42 -15.47 5.04
N GLY D 57 -6.11 -15.73 3.77
CA GLY D 57 -4.71 -15.87 3.39
C GLY D 57 -4.22 -17.31 3.44
N LEU D 58 -4.66 -18.05 4.45
CA LEU D 58 -4.27 -19.45 4.58
C LEU D 58 -4.88 -20.27 3.43
N THR D 59 -4.09 -21.17 2.84
CA THR D 59 -4.55 -21.99 1.72
C THR D 59 -4.01 -23.43 1.77
N THR D 60 -2.69 -23.56 1.72
CA THR D 60 -2.09 -24.90 1.77
C THR D 60 -2.49 -25.55 3.10
N ALA D 61 -2.64 -26.87 3.10
CA ALA D 61 -2.99 -27.57 4.32
C ALA D 61 -1.85 -27.44 5.34
N ASP D 62 -0.66 -27.15 4.82
CA ASP D 62 0.51 -27.02 5.68
C ASP D 62 0.46 -25.72 6.48
N GLN D 63 0.07 -24.63 5.81
CA GLN D 63 -0.05 -23.33 6.47
C GLN D 63 -1.06 -23.41 7.61
N LEU D 64 -2.21 -24.02 7.31
CA LEU D 64 -3.28 -24.19 8.28
C LEU D 64 -2.80 -24.91 9.53
N LYS D 65 -2.27 -26.12 9.38
CA LYS D 65 -1.81 -26.88 10.55
C LYS D 65 -0.84 -26.09 11.45
N LYS D 66 -0.29 -25.01 10.91
CA LYS D 66 0.65 -24.20 11.66
C LYS D 66 0.07 -22.95 12.30
N SER D 67 -1.06 -22.49 11.79
CA SER D 67 -1.75 -21.31 12.33
C SER D 67 -2.34 -21.62 13.72
N ALA D 68 -2.09 -20.74 14.69
CA ALA D 68 -2.61 -20.94 16.04
C ALA D 68 -4.11 -20.71 16.04
N ASP D 69 -4.58 -19.89 15.10
CA ASP D 69 -6.00 -19.61 14.99
C ASP D 69 -6.75 -20.88 14.61
N VAL D 70 -6.19 -21.61 13.64
CA VAL D 70 -6.80 -22.85 13.17
C VAL D 70 -6.83 -23.89 14.28
N ARG D 71 -5.71 -24.03 14.97
CA ARG D 71 -5.63 -25.01 16.06
C ARG D 71 -6.61 -24.75 17.19
N TRP D 72 -6.78 -23.47 17.54
CA TRP D 72 -7.68 -23.10 18.63
C TRP D 72 -9.14 -23.41 18.24
N HIS D 73 -9.51 -23.01 17.03
CA HIS D 73 -10.85 -23.24 16.53
C HIS D 73 -11.15 -24.73 16.49
N ALA D 74 -10.17 -25.53 16.06
CA ALA D 74 -10.32 -26.97 15.96
C ALA D 74 -10.43 -27.61 17.35
N GLU D 75 -9.65 -27.10 18.29
CA GLU D 75 -9.67 -27.67 19.65
C GLU D 75 -11.01 -27.42 20.35
N ARG D 76 -11.60 -26.25 20.06
CA ARG D 76 -12.88 -25.89 20.63
C ARG D 76 -14.00 -26.76 20.03
N ILE D 77 -14.02 -26.87 18.70
CA ILE D 77 -15.03 -27.68 18.02
C ILE D 77 -14.96 -29.15 18.48
N ILE D 78 -13.76 -29.70 18.44
CA ILE D 78 -13.56 -31.09 18.82
C ILE D 78 -13.96 -31.37 20.29
N ASN D 79 -13.81 -30.37 21.16
CA ASN D 79 -14.19 -30.53 22.57
C ASN D 79 -15.70 -30.37 22.79
N ALA D 80 -16.36 -29.70 21.85
CA ALA D 80 -17.80 -29.52 21.93
C ALA D 80 -18.38 -30.90 21.68
N VAL D 81 -17.86 -31.59 20.65
CA VAL D 81 -18.34 -32.92 20.34
C VAL D 81 -18.12 -33.81 21.56
N ASN D 82 -16.94 -33.65 22.17
CA ASN D 82 -16.60 -34.44 23.35
C ASN D 82 -17.61 -34.25 24.49
N ASP D 83 -18.04 -33.01 24.69
CA ASP D 83 -19.02 -32.71 25.72
C ASP D 83 -20.29 -33.47 25.41
N ALA D 84 -20.66 -33.49 24.14
CA ALA D 84 -21.87 -34.21 23.74
C ALA D 84 -21.70 -35.68 24.07
N VAL D 85 -20.54 -36.24 23.71
CA VAL D 85 -20.27 -37.64 23.97
C VAL D 85 -20.36 -37.95 25.45
N ALA D 86 -19.83 -37.04 26.26
CA ALA D 86 -19.86 -37.21 27.71
C ALA D 86 -21.26 -37.06 28.29
N SER D 87 -22.20 -36.59 27.49
CA SER D 87 -23.56 -36.38 28.00
C SER D 87 -24.64 -37.24 27.40
N MET D 88 -24.27 -38.26 26.65
CA MET D 88 -25.28 -39.12 26.04
C MET D 88 -26.27 -39.68 27.06
N ASP D 89 -25.90 -39.70 28.33
CA ASP D 89 -26.78 -40.23 29.35
C ASP D 89 -27.66 -39.16 29.98
N ASP D 90 -27.40 -37.92 29.62
CA ASP D 90 -28.15 -36.77 30.15
C ASP D 90 -28.45 -35.92 28.94
N THR D 91 -29.39 -36.41 28.15
CA THR D 91 -29.79 -35.75 26.92
C THR D 91 -30.29 -34.33 27.15
N GLU D 92 -30.72 -34.04 28.37
CA GLU D 92 -31.21 -32.72 28.72
C GLU D 92 -30.07 -31.71 28.82
N LYS D 93 -28.96 -32.15 29.41
CA LYS D 93 -27.80 -31.29 29.56
C LYS D 93 -27.18 -31.07 28.17
N MET D 94 -27.13 -32.15 27.40
CA MET D 94 -26.57 -32.09 26.05
C MET D 94 -27.29 -31.02 25.23
N SER D 95 -28.62 -30.95 25.37
CA SER D 95 -29.41 -29.98 24.63
C SER D 95 -29.11 -28.54 25.03
N MET D 96 -29.18 -28.24 26.32
CA MET D 96 -28.92 -26.89 26.77
C MET D 96 -27.64 -26.33 26.21
N LYS D 97 -26.56 -27.08 26.37
CA LYS D 97 -25.26 -26.65 25.91
C LYS D 97 -25.20 -26.40 24.40
N LEU D 98 -25.80 -27.29 23.63
CA LEU D 98 -25.80 -27.16 22.18
C LEU D 98 -26.69 -26.04 21.69
N ARG D 99 -27.88 -25.90 22.28
CA ARG D 99 -28.80 -24.83 21.88
C ARG D 99 -28.10 -23.49 22.08
N ASP D 100 -27.38 -23.39 23.19
CA ASP D 100 -26.66 -22.17 23.49
C ASP D 100 -25.68 -21.90 22.37
N LEU D 101 -24.96 -22.95 22.00
CA LEU D 101 -23.95 -22.91 20.95
C LEU D 101 -24.61 -22.59 19.59
N SER D 102 -25.83 -23.06 19.41
CA SER D 102 -26.57 -22.79 18.18
C SER D 102 -26.76 -21.29 18.06
N GLY D 103 -27.20 -20.67 19.15
CA GLY D 103 -27.44 -19.25 19.17
C GLY D 103 -26.21 -18.45 18.78
N LYS D 104 -25.05 -18.85 19.28
CA LYS D 104 -23.82 -18.14 18.95
C LYS D 104 -23.49 -18.21 17.47
N HIS D 105 -23.70 -19.38 16.88
CA HIS D 105 -23.41 -19.54 15.47
C HIS D 105 -24.33 -18.70 14.61
N ALA D 106 -25.59 -18.61 15.01
CA ALA D 106 -26.57 -17.84 14.25
C ALA D 106 -26.53 -16.33 14.47
N LYS D 107 -26.40 -15.90 15.72
CA LYS D 107 -26.38 -14.47 16.03
C LYS D 107 -25.04 -13.77 15.97
N SER D 108 -23.94 -14.48 16.19
CA SER D 108 -22.62 -13.82 16.20
C SER D 108 -21.69 -14.22 15.07
N PHE D 109 -21.42 -15.51 14.96
CA PHE D 109 -20.52 -16.02 13.92
C PHE D 109 -21.18 -15.92 12.55
N GLN D 110 -22.51 -15.92 12.54
CA GLN D 110 -23.27 -15.83 11.31
C GLN D 110 -22.83 -16.86 10.30
N VAL D 111 -22.84 -18.14 10.70
CA VAL D 111 -22.44 -19.17 9.76
C VAL D 111 -23.67 -19.81 9.11
N ASP D 112 -23.53 -20.14 7.83
CA ASP D 112 -24.58 -20.79 7.07
C ASP D 112 -24.83 -22.13 7.75
N PRO D 113 -26.07 -22.37 8.21
CA PRO D 113 -26.39 -23.63 8.89
C PRO D 113 -26.25 -24.94 8.10
N GLN D 114 -26.09 -24.86 6.80
CA GLN D 114 -25.99 -26.08 6.00
C GLN D 114 -24.71 -26.91 6.16
N TYR D 115 -23.61 -26.27 6.55
CA TYR D 115 -22.34 -26.97 6.70
C TYR D 115 -22.15 -27.80 7.96
N PHE D 116 -22.98 -27.60 8.97
CA PHE D 116 -22.88 -28.36 10.20
C PHE D 116 -22.77 -29.85 9.90
N LYS D 117 -23.65 -30.36 9.04
CA LYS D 117 -23.63 -31.77 8.70
C LYS D 117 -22.45 -32.16 7.81
N VAL D 118 -21.97 -31.25 6.97
CA VAL D 118 -20.82 -31.56 6.12
C VAL D 118 -19.62 -31.83 7.01
N LEU D 119 -19.38 -30.96 7.99
CA LEU D 119 -18.28 -31.14 8.93
C LEU D 119 -18.52 -32.35 9.84
N ALA D 120 -19.77 -32.55 10.24
CA ALA D 120 -20.11 -33.67 11.10
C ALA D 120 -19.70 -34.98 10.43
N ALA D 121 -19.85 -35.02 9.11
CA ALA D 121 -19.51 -36.19 8.32
C ALA D 121 -18.01 -36.51 8.39
N VAL D 122 -17.18 -35.46 8.26
CA VAL D 122 -15.74 -35.62 8.33
C VAL D 122 -15.37 -36.15 9.71
N ILE D 123 -16.03 -35.65 10.74
CA ILE D 123 -15.76 -36.12 12.10
C ILE D 123 -16.16 -37.57 12.21
N ALA D 124 -17.24 -37.95 11.52
CA ALA D 124 -17.72 -39.33 11.56
C ALA D 124 -16.78 -40.30 10.86
N ASP D 125 -16.26 -39.91 9.69
CA ASP D 125 -15.34 -40.76 8.96
C ASP D 125 -14.12 -41.05 9.78
N THR D 126 -13.54 -39.97 10.32
CA THR D 126 -12.35 -40.06 11.15
C THR D 126 -12.50 -40.91 12.40
N VAL D 127 -13.58 -40.71 13.14
CA VAL D 127 -13.80 -41.44 14.37
C VAL D 127 -14.26 -42.89 14.20
N ALA D 128 -15.35 -43.08 13.46
CA ALA D 128 -15.89 -44.42 13.27
C ALA D 128 -16.65 -44.51 11.95
N ALA D 129 -15.90 -44.52 10.85
CA ALA D 129 -16.47 -44.59 9.52
C ALA D 129 -17.42 -45.77 9.41
N GLY D 130 -18.62 -45.48 8.91
CA GLY D 130 -19.60 -46.54 8.75
C GLY D 130 -20.52 -46.80 9.93
N ASP D 131 -20.11 -46.48 11.14
CA ASP D 131 -20.99 -46.74 12.28
C ASP D 131 -22.23 -45.86 12.26
N ALA D 132 -23.40 -46.49 12.24
CA ALA D 132 -24.66 -45.76 12.22
C ALA D 132 -24.89 -45.10 13.56
N GLY D 133 -24.51 -45.79 14.63
CA GLY D 133 -24.68 -45.24 15.96
C GLY D 133 -24.04 -43.87 16.09
N PHE D 134 -22.78 -43.78 15.68
CA PHE D 134 -22.06 -42.53 15.74
C PHE D 134 -22.71 -41.49 14.83
N GLU D 135 -23.27 -41.95 13.70
CA GLU D 135 -23.93 -41.03 12.78
C GLU D 135 -25.18 -40.48 13.42
N LYS D 136 -25.79 -41.27 14.28
CA LYS D 136 -27.00 -40.88 14.98
C LYS D 136 -26.63 -39.78 15.98
N LEU D 137 -25.49 -39.93 16.65
CA LEU D 137 -25.05 -38.93 17.63
C LEU D 137 -24.72 -37.62 16.91
N MET D 138 -24.14 -37.69 15.71
CA MET D 138 -23.82 -36.48 14.97
C MET D 138 -25.08 -35.78 14.50
N SER D 139 -26.13 -36.56 14.24
CA SER D 139 -27.39 -36.01 13.78
C SER D 139 -28.04 -35.19 14.89
N MET D 140 -27.99 -35.72 16.11
CA MET D 140 -28.55 -35.01 17.25
C MET D 140 -27.86 -33.67 17.39
N ILE D 141 -26.54 -33.68 17.25
CA ILE D 141 -25.73 -32.47 17.36
C ILE D 141 -26.08 -31.47 16.25
N CYS D 142 -26.24 -31.94 15.02
CA CYS D 142 -26.56 -31.03 13.95
C CYS D 142 -27.97 -30.46 14.07
N ILE D 143 -28.93 -31.29 14.47
CA ILE D 143 -30.29 -30.81 14.63
C ILE D 143 -30.33 -29.73 15.70
N LEU D 144 -29.60 -29.92 16.79
CA LEU D 144 -29.58 -28.94 17.87
C LEU D 144 -28.82 -27.69 17.47
N LEU D 145 -27.75 -27.85 16.70
CA LEU D 145 -26.96 -26.70 16.26
C LEU D 145 -27.73 -25.79 15.33
N ARG D 146 -28.83 -26.29 14.75
CA ARG D 146 -29.63 -25.47 13.85
C ARG D 146 -30.89 -24.96 14.55
N SER D 147 -31.08 -25.33 15.81
CA SER D 147 -32.28 -24.93 16.53
C SER D 147 -32.47 -23.43 16.73
N ALA D 148 -31.39 -22.67 16.68
CA ALA D 148 -31.50 -21.23 16.87
C ALA D 148 -31.73 -20.48 15.57
N TYR D 149 -31.53 -21.15 14.45
CA TYR D 149 -31.73 -20.50 13.16
C TYR D 149 -33.21 -20.47 12.85
N PRO E 1 -31.41 -7.56 -51.72
CA PRO E 1 -30.59 -6.34 -51.87
C PRO E 1 -31.05 -5.28 -50.90
N ILE E 2 -30.17 -4.34 -50.56
CA ILE E 2 -30.46 -3.27 -49.62
C ILE E 2 -31.28 -2.14 -50.27
N VAL E 3 -32.39 -1.78 -49.63
CA VAL E 3 -33.24 -0.70 -50.13
C VAL E 3 -33.26 0.49 -49.16
N ASP E 4 -33.46 1.70 -49.71
CA ASP E 4 -33.47 2.91 -48.89
C ASP E 4 -34.78 3.69 -49.06
N THR E 5 -35.83 2.99 -49.47
CA THR E 5 -37.14 3.60 -49.69
C THR E 5 -38.21 2.62 -49.28
N GLY E 6 -39.42 3.12 -49.11
CA GLY E 6 -40.52 2.25 -48.74
C GLY E 6 -40.46 1.69 -47.34
N SER E 7 -40.73 0.39 -47.23
CA SER E 7 -40.75 -0.28 -45.94
C SER E 7 -40.23 -1.71 -46.09
N VAL E 8 -39.78 -2.28 -44.98
CA VAL E 8 -39.29 -3.66 -44.98
C VAL E 8 -39.96 -4.39 -43.82
N ALA E 9 -40.22 -5.68 -44.00
CA ALA E 9 -40.87 -6.49 -42.98
C ALA E 9 -40.02 -6.56 -41.72
N PRO E 10 -40.68 -6.72 -40.55
CA PRO E 10 -39.98 -6.80 -39.27
C PRO E 10 -38.91 -7.88 -39.24
N LEU E 11 -38.01 -7.80 -38.26
CA LEU E 11 -36.95 -8.79 -38.13
C LEU E 11 -37.46 -9.95 -37.29
N SER E 12 -37.22 -11.18 -37.75
CA SER E 12 -37.68 -12.35 -37.01
C SER E 12 -36.67 -12.67 -35.93
N ALA E 13 -37.09 -13.38 -34.92
CA ALA E 13 -36.19 -13.72 -33.84
C ALA E 13 -34.99 -14.48 -34.37
N ALA E 14 -35.22 -15.25 -35.43
CA ALA E 14 -34.16 -16.04 -36.06
C ALA E 14 -33.12 -15.13 -36.71
N GLU E 15 -33.60 -14.10 -37.42
CA GLU E 15 -32.72 -13.15 -38.09
C GLU E 15 -31.92 -12.33 -37.11
N LYS E 16 -32.56 -11.91 -36.02
CA LYS E 16 -31.88 -11.11 -35.01
C LYS E 16 -30.70 -11.90 -34.43
N THR E 17 -30.92 -13.19 -34.20
CA THR E 17 -29.89 -14.06 -33.65
C THR E 17 -28.69 -14.17 -34.56
N LYS E 18 -28.91 -14.36 -35.86
CA LYS E 18 -27.81 -14.46 -36.79
C LYS E 18 -27.05 -13.14 -36.82
N ILE E 19 -27.80 -12.04 -36.90
CA ILE E 19 -27.20 -10.71 -36.92
C ILE E 19 -26.29 -10.52 -35.72
N ARG E 20 -26.81 -10.78 -34.52
CA ARG E 20 -26.02 -10.61 -33.32
C ARG E 20 -24.72 -11.41 -33.39
N SER E 21 -24.79 -12.59 -34.00
CA SER E 21 -23.61 -13.46 -34.13
C SER E 21 -22.57 -12.90 -35.07
N ALA E 22 -23.01 -12.57 -36.29
CA ALA E 22 -22.13 -12.00 -37.30
C ALA E 22 -21.55 -10.68 -36.83
N TRP E 23 -22.31 -9.92 -36.06
CA TRP E 23 -21.85 -8.63 -35.59
C TRP E 23 -20.78 -8.70 -34.49
N ALA E 24 -21.02 -9.51 -33.47
CA ALA E 24 -20.10 -9.63 -32.35
C ALA E 24 -18.62 -9.54 -32.71
N PRO E 25 -18.12 -10.41 -33.60
CA PRO E 25 -16.72 -10.40 -34.01
C PRO E 25 -16.29 -9.09 -34.64
N VAL E 26 -17.07 -8.59 -35.58
CA VAL E 26 -16.76 -7.33 -36.26
C VAL E 26 -16.69 -6.15 -35.29
N TYR E 27 -17.72 -5.97 -34.46
CA TYR E 27 -17.72 -4.86 -33.51
C TYR E 27 -16.66 -5.02 -32.43
N SER E 28 -16.24 -6.25 -32.20
CA SER E 28 -15.25 -6.57 -31.19
C SER E 28 -13.97 -5.78 -31.44
N THR E 29 -13.68 -5.51 -32.70
CA THR E 29 -12.50 -4.75 -33.07
C THR E 29 -12.95 -3.70 -34.08
N TYR E 30 -14.00 -2.96 -33.71
CA TYR E 30 -14.59 -1.94 -34.56
C TYR E 30 -13.64 -0.86 -35.09
N GLU E 31 -12.60 -0.54 -34.34
CA GLU E 31 -11.65 0.48 -34.76
C GLU E 31 -10.93 0.10 -36.04
N THR E 32 -10.77 -1.21 -36.26
CA THR E 32 -10.10 -1.68 -37.45
C THR E 32 -11.12 -1.96 -38.54
N SER E 33 -12.18 -2.68 -38.17
CA SER E 33 -13.25 -3.02 -39.10
C SER E 33 -13.78 -1.73 -39.71
N GLY E 34 -14.18 -0.81 -38.85
CA GLY E 34 -14.71 0.45 -39.31
C GLY E 34 -13.84 1.17 -40.32
N VAL E 35 -12.53 1.24 -40.05
CA VAL E 35 -11.62 1.91 -40.96
C VAL E 35 -11.52 1.21 -42.30
N ASP E 36 -11.50 -0.13 -42.29
CA ASP E 36 -11.42 -0.87 -43.55
C ASP E 36 -12.68 -0.64 -44.37
N ILE E 37 -13.83 -0.73 -43.71
CA ILE E 37 -15.10 -0.54 -44.37
C ILE E 37 -15.20 0.84 -45.00
N LEU E 38 -14.79 1.85 -44.25
CA LEU E 38 -14.84 3.22 -44.75
C LEU E 38 -13.80 3.48 -45.84
N VAL E 39 -12.59 2.96 -45.66
CA VAL E 39 -11.54 3.15 -46.65
C VAL E 39 -11.92 2.46 -47.95
N LYS E 40 -12.56 1.29 -47.83
CA LYS E 40 -12.98 0.53 -49.00
C LYS E 40 -14.05 1.29 -49.76
N PHE E 41 -15.06 1.77 -49.04
CA PHE E 41 -16.16 2.53 -49.63
C PHE E 41 -15.66 3.79 -50.32
N PHE E 42 -14.81 4.53 -49.62
CA PHE E 42 -14.26 5.78 -50.12
C PHE E 42 -13.44 5.63 -51.40
N THR E 43 -12.50 4.69 -51.39
CA THR E 43 -11.62 4.47 -52.54
C THR E 43 -12.33 3.95 -53.78
N SER E 44 -13.34 3.09 -53.59
CA SER E 44 -14.07 2.54 -54.73
C SER E 44 -15.31 3.33 -55.16
N THR E 45 -15.59 4.45 -54.53
CA THR E 45 -16.76 5.23 -54.92
C THR E 45 -16.37 6.70 -55.02
N PRO E 46 -15.55 7.05 -56.02
CA PRO E 46 -15.04 8.39 -56.31
C PRO E 46 -16.08 9.51 -56.25
N ALA E 47 -17.27 9.25 -56.77
CA ALA E 47 -18.33 10.24 -56.80
C ALA E 47 -18.73 10.77 -55.42
N ALA E 48 -18.55 9.93 -54.40
CA ALA E 48 -18.92 10.29 -53.04
C ALA E 48 -17.80 10.94 -52.25
N GLN E 49 -16.61 10.97 -52.82
CA GLN E 49 -15.47 11.56 -52.12
C GLN E 49 -15.57 13.03 -51.78
N GLU E 50 -16.25 13.80 -52.62
CA GLU E 50 -16.36 15.24 -52.38
C GLU E 50 -17.12 15.54 -51.12
N PHE E 51 -17.77 14.52 -50.55
CA PHE E 51 -18.54 14.74 -49.34
C PHE E 51 -17.79 14.53 -48.05
N PHE E 52 -16.49 14.24 -48.17
CA PHE E 52 -15.65 14.03 -47.00
C PHE E 52 -14.57 15.12 -47.06
N PRO E 53 -14.96 16.37 -46.80
CA PRO E 53 -14.06 17.53 -46.82
C PRO E 53 -12.78 17.30 -46.04
N LYS E 54 -12.91 16.76 -44.83
CA LYS E 54 -11.75 16.53 -43.99
C LYS E 54 -10.77 15.51 -44.56
N PHE E 55 -11.09 14.91 -45.71
CA PHE E 55 -10.21 13.93 -46.33
C PHE E 55 -9.48 14.49 -47.56
N LYS E 56 -9.65 15.78 -47.83
CA LYS E 56 -8.99 16.42 -48.97
C LYS E 56 -7.50 16.08 -48.96
N GLY E 57 -6.96 15.73 -50.13
CA GLY E 57 -5.55 15.41 -50.19
C GLY E 57 -5.26 13.92 -50.03
N LEU E 58 -6.03 13.26 -49.17
CA LEU E 58 -5.84 11.83 -48.97
C LEU E 58 -6.29 11.08 -50.23
N THR E 59 -5.51 10.08 -50.63
CA THR E 59 -5.83 9.30 -51.83
C THR E 59 -5.51 7.81 -51.68
N THR E 60 -4.24 7.50 -51.41
CA THR E 60 -3.83 6.11 -51.24
C THR E 60 -4.59 5.54 -50.03
N ALA E 61 -4.92 4.26 -50.08
CA ALA E 61 -5.62 3.62 -48.98
C ALA E 61 -4.73 3.63 -47.74
N ASP E 62 -3.42 3.74 -47.96
CA ASP E 62 -2.47 3.75 -46.87
C ASP E 62 -2.51 5.06 -46.11
N GLN E 63 -2.62 6.17 -46.83
CA GLN E 63 -2.69 7.49 -46.21
C GLN E 63 -3.93 7.56 -45.32
N LEU E 64 -5.05 7.10 -45.87
CA LEU E 64 -6.32 7.10 -45.15
C LEU E 64 -6.23 6.36 -43.84
N LYS E 65 -5.86 5.08 -43.87
CA LYS E 65 -5.78 4.31 -42.63
C LYS E 65 -4.94 4.98 -41.53
N LYS E 66 -4.14 5.97 -41.91
CA LYS E 66 -3.27 6.66 -40.96
C LYS E 66 -3.83 7.99 -40.46
N SER E 67 -4.75 8.57 -41.22
CA SER E 67 -5.36 9.84 -40.83
C SER E 67 -6.27 9.65 -39.62
N ALA E 68 -6.13 10.52 -38.62
CA ALA E 68 -6.97 10.42 -37.43
C ALA E 68 -8.38 10.87 -37.75
N ASP E 69 -8.52 11.69 -38.79
CA ASP E 69 -9.83 12.16 -39.20
C ASP E 69 -10.63 11.00 -39.76
N VAL E 70 -9.98 10.17 -40.57
CA VAL E 70 -10.62 9.01 -41.17
C VAL E 70 -11.03 8.00 -40.10
N ARG E 71 -10.12 7.72 -39.17
CA ARG E 71 -10.40 6.78 -38.10
C ARG E 71 -11.56 7.19 -37.20
N TRP E 72 -11.66 8.48 -36.88
CA TRP E 72 -12.72 9.00 -36.03
C TRP E 72 -14.07 8.88 -36.73
N HIS E 73 -14.11 9.28 -37.99
CA HIS E 73 -15.32 9.22 -38.78
C HIS E 73 -15.80 7.78 -38.90
N ALA E 74 -14.87 6.86 -39.11
CA ALA E 74 -15.18 5.44 -39.23
C ALA E 74 -15.69 4.85 -37.91
N GLU E 75 -15.05 5.24 -36.82
CA GLU E 75 -15.45 4.76 -35.51
C GLU E 75 -16.87 5.21 -35.14
N ARG E 76 -17.22 6.43 -35.54
CA ARG E 76 -18.55 6.95 -35.26
C ARG E 76 -19.60 6.22 -36.11
N ILE E 77 -19.32 6.03 -37.40
CA ILE E 77 -20.24 5.37 -38.29
C ILE E 77 -20.48 3.94 -37.85
N ILE E 78 -19.40 3.24 -37.58
CA ILE E 78 -19.47 1.85 -37.18
C ILE E 78 -20.21 1.67 -35.85
N ASN E 79 -20.13 2.66 -34.96
CA ASN E 79 -20.84 2.59 -33.67
C ASN E 79 -22.33 2.94 -33.79
N ALA E 80 -22.68 3.66 -34.85
CA ALA E 80 -24.07 4.00 -35.11
C ALA E 80 -24.77 2.71 -35.50
N VAL E 81 -24.12 1.94 -36.36
CA VAL E 81 -24.69 0.67 -36.79
C VAL E 81 -24.85 -0.19 -35.56
N ASN E 82 -23.84 -0.20 -34.70
CA ASN E 82 -23.88 -1.00 -33.48
C ASN E 82 -25.07 -0.64 -32.60
N ASP E 83 -25.37 0.66 -32.52
CA ASP E 83 -26.50 1.13 -31.72
C ASP E 83 -27.78 0.54 -32.29
N ALA E 84 -27.84 0.49 -33.62
CA ALA E 84 -29.02 -0.05 -34.28
C ALA E 84 -29.11 -1.53 -33.93
N VAL E 85 -28.00 -2.25 -34.03
CA VAL E 85 -27.97 -3.67 -33.72
C VAL E 85 -28.41 -3.91 -32.27
N ALA E 86 -27.98 -3.04 -31.37
CA ALA E 86 -28.33 -3.18 -29.97
C ALA E 86 -29.78 -2.83 -29.70
N SER E 87 -30.46 -2.25 -30.69
CA SER E 87 -31.86 -1.86 -30.51
C SER E 87 -32.88 -2.61 -31.33
N MET E 88 -32.50 -3.71 -31.95
CA MET E 88 -33.44 -4.45 -32.77
C MET E 88 -34.70 -4.85 -32.00
N ASP E 89 -34.63 -4.87 -30.68
CA ASP E 89 -35.78 -5.24 -29.87
C ASP E 89 -36.61 -4.05 -29.44
N ASP E 90 -36.12 -2.85 -29.73
CA ASP E 90 -36.82 -1.62 -29.40
C ASP E 90 -36.72 -0.78 -30.65
N THR E 91 -37.52 -1.14 -31.64
CA THR E 91 -37.53 -0.47 -32.92
C THR E 91 -37.89 1.01 -32.80
N GLU E 92 -38.53 1.38 -31.70
CA GLU E 92 -38.93 2.76 -31.48
C GLU E 92 -37.72 3.61 -31.14
N LYS E 93 -36.84 3.07 -30.29
CA LYS E 93 -35.63 3.76 -29.89
C LYS E 93 -34.70 3.85 -31.09
N MET E 94 -34.66 2.78 -31.87
CA MET E 94 -33.81 2.73 -33.06
C MET E 94 -34.18 3.84 -34.03
N SER E 95 -35.47 4.12 -34.16
CA SER E 95 -35.95 5.16 -35.05
C SER E 95 -35.56 6.56 -34.58
N MET E 96 -35.86 6.88 -33.32
CA MET E 96 -35.54 8.19 -32.81
C MET E 96 -34.10 8.57 -33.07
N LYS E 97 -33.18 7.71 -32.67
CA LYS E 97 -31.77 7.94 -32.84
C LYS E 97 -31.37 8.14 -34.30
N LEU E 98 -31.88 7.30 -35.19
CA LEU E 98 -31.54 7.42 -36.60
C LEU E 98 -32.15 8.64 -37.27
N ARG E 99 -33.41 8.96 -36.96
CA ARG E 99 -34.07 10.12 -37.56
C ARG E 99 -33.28 11.34 -37.20
N ASP E 100 -32.80 11.39 -35.97
CA ASP E 100 -32.01 12.51 -35.52
C ASP E 100 -30.77 12.60 -36.40
N LEU E 101 -30.14 11.45 -36.59
CA LEU E 101 -28.93 11.34 -37.39
C LEU E 101 -29.23 11.73 -38.83
N SER E 102 -30.45 11.42 -39.28
CA SER E 102 -30.84 11.74 -40.64
C SER E 102 -30.81 13.25 -40.81
N GLY E 103 -31.39 13.95 -39.83
CA GLY E 103 -31.42 15.39 -39.86
C GLY E 103 -30.04 16.02 -39.95
N LYS E 104 -29.08 15.48 -39.22
CA LYS E 104 -27.73 16.03 -39.26
C LYS E 104 -27.11 15.87 -40.63
N HIS E 105 -27.33 14.72 -41.26
CA HIS E 105 -26.77 14.49 -42.58
C HIS E 105 -27.35 15.42 -43.63
N ALA E 106 -28.64 15.70 -43.52
CA ALA E 106 -29.30 16.57 -44.48
C ALA E 106 -29.13 18.06 -44.23
N LYS E 107 -29.21 18.50 -42.99
CA LYS E 107 -29.08 19.92 -42.68
C LYS E 107 -27.66 20.44 -42.42
N SER E 108 -26.75 19.59 -41.96
CA SER E 108 -25.41 20.07 -41.66
C SER E 108 -24.30 19.55 -42.57
N PHE E 109 -24.18 18.23 -42.64
CA PHE E 109 -23.16 17.59 -43.44
C PHE E 109 -23.49 17.72 -44.91
N GLN E 110 -24.76 17.90 -45.21
CA GLN E 110 -25.20 18.06 -46.60
C GLN E 110 -24.69 16.93 -47.50
N VAL E 111 -24.96 15.69 -47.11
CA VAL E 111 -24.50 14.59 -47.93
C VAL E 111 -25.62 14.11 -48.84
N ASP E 112 -25.24 13.71 -50.05
CA ASP E 112 -26.19 13.20 -51.04
C ASP E 112 -26.77 11.92 -50.43
N PRO E 113 -28.10 11.85 -50.27
CA PRO E 113 -28.72 10.67 -49.69
C PRO E 113 -28.57 9.34 -50.41
N GLN E 114 -28.14 9.36 -51.66
CA GLN E 114 -28.01 8.12 -52.42
C GLN E 114 -26.92 7.16 -51.98
N TYR E 115 -25.87 7.66 -51.34
CA TYR E 115 -24.77 6.79 -50.94
C TYR E 115 -24.96 5.96 -49.67
N PHE E 116 -25.97 6.31 -48.87
CA PHE E 116 -26.24 5.56 -47.65
C PHE E 116 -26.25 4.05 -47.94
N LYS E 117 -27.00 3.64 -48.97
CA LYS E 117 -27.09 2.23 -49.31
C LYS E 117 -25.80 1.66 -49.91
N VAL E 118 -25.03 2.50 -50.61
CA VAL E 118 -23.78 2.03 -51.19
C VAL E 118 -22.85 1.62 -50.05
N LEU E 119 -22.73 2.47 -49.03
CA LEU E 119 -21.87 2.17 -47.88
C LEU E 119 -22.47 1.04 -47.06
N ALA E 120 -23.80 0.99 -46.96
CA ALA E 120 -24.48 -0.05 -46.20
C ALA E 120 -24.09 -1.40 -46.77
N ALA E 121 -23.96 -1.47 -48.10
CA ALA E 121 -23.60 -2.71 -48.77
C ALA E 121 -22.21 -3.20 -48.38
N VAL E 122 -21.25 -2.27 -48.31
CA VAL E 122 -19.90 -2.62 -47.93
C VAL E 122 -19.89 -3.17 -46.51
N ILE E 123 -20.70 -2.56 -45.64
CA ILE E 123 -20.79 -3.01 -44.25
C ILE E 123 -21.40 -4.42 -44.25
N ALA E 124 -22.35 -4.66 -45.15
CA ALA E 124 -23.00 -5.96 -45.23
C ALA E 124 -22.06 -7.06 -45.72
N ASP E 125 -21.25 -6.77 -46.74
CA ASP E 125 -20.30 -7.76 -47.27
C ASP E 125 -19.33 -8.17 -46.19
N THR E 126 -18.76 -7.18 -45.54
CA THR E 126 -17.80 -7.40 -44.49
C THR E 126 -18.34 -8.21 -43.31
N VAL E 127 -19.52 -7.83 -42.83
CA VAL E 127 -20.11 -8.50 -41.67
C VAL E 127 -20.70 -9.88 -41.94
N ALA E 128 -21.61 -9.95 -42.91
CA ALA E 128 -22.27 -11.21 -43.22
C ALA E 128 -22.72 -11.22 -44.67
N ALA E 129 -21.77 -11.35 -45.57
CA ALA E 129 -22.04 -11.37 -46.99
C ALA E 129 -23.08 -12.42 -47.33
N GLY E 130 -24.10 -12.00 -48.06
CA GLY E 130 -25.15 -12.91 -48.46
C GLY E 130 -26.34 -13.01 -47.53
N ASP E 131 -26.17 -12.73 -46.24
CA ASP E 131 -27.29 -12.85 -45.32
C ASP E 131 -28.36 -11.81 -45.61
N ALA E 132 -29.58 -12.29 -45.87
CA ALA E 132 -30.70 -11.41 -46.16
C ALA E 132 -31.13 -10.70 -44.89
N GLY E 133 -31.08 -11.42 -43.77
CA GLY E 133 -31.47 -10.82 -42.51
C GLY E 133 -30.69 -9.54 -42.22
N PHE E 134 -29.36 -9.62 -42.37
CA PHE E 134 -28.51 -8.46 -42.14
C PHE E 134 -28.82 -7.38 -43.17
N GLU E 135 -29.13 -7.78 -44.41
CA GLU E 135 -29.48 -6.80 -45.44
C GLU E 135 -30.76 -6.08 -45.08
N LYS E 136 -31.64 -6.77 -44.37
CA LYS E 136 -32.91 -6.21 -43.94
C LYS E 136 -32.63 -5.15 -42.89
N LEU E 137 -31.69 -5.42 -41.99
CA LEU E 137 -31.34 -4.47 -40.94
C LEU E 137 -30.70 -3.22 -41.56
N MET E 138 -29.90 -3.41 -42.61
CA MET E 138 -29.26 -2.27 -43.25
C MET E 138 -30.30 -1.43 -43.98
N SER E 139 -31.34 -2.08 -44.48
CA SER E 139 -32.41 -1.38 -45.20
C SER E 139 -33.17 -0.45 -44.26
N MET E 140 -33.45 -0.94 -43.05
CA MET E 140 -34.15 -0.14 -42.06
C MET E 140 -33.33 1.10 -41.78
N ILE E 141 -32.03 0.92 -41.62
CA ILE E 141 -31.12 2.02 -41.32
C ILE E 141 -31.06 3.03 -42.47
N CYS E 142 -31.02 2.56 -43.71
CA CYS E 142 -30.97 3.48 -44.82
C CYS E 142 -32.29 4.22 -44.99
N ILE E 143 -33.41 3.52 -44.82
CA ILE E 143 -34.70 4.16 -44.94
C ILE E 143 -34.85 5.28 -43.90
N LEU E 144 -34.39 5.03 -42.69
CA LEU E 144 -34.48 6.03 -41.65
C LEU E 144 -33.50 7.16 -41.88
N LEU E 145 -32.32 6.85 -42.39
CA LEU E 145 -31.31 7.87 -42.64
C LEU E 145 -31.75 8.84 -43.72
N ARG E 146 -32.73 8.47 -44.52
CA ARG E 146 -33.21 9.35 -45.58
C ARG E 146 -34.50 10.05 -45.17
N SER E 147 -35.00 9.75 -43.97
CA SER E 147 -36.27 10.33 -43.54
C SER E 147 -36.30 11.84 -43.37
N ALA E 148 -35.14 12.45 -43.17
CA ALA E 148 -35.09 13.89 -43.01
C ALA E 148 -34.94 14.62 -44.33
N TYR E 149 -34.57 13.91 -45.38
CA TYR E 149 -34.41 14.56 -46.68
C TYR E 149 -35.79 14.76 -47.31
N PRO F 1 -3.49 24.96 -10.71
CA PRO F 1 -4.43 23.82 -10.57
C PRO F 1 -5.67 24.07 -11.42
N ILE F 2 -6.36 22.98 -11.77
CA ILE F 2 -7.57 23.05 -12.59
C ILE F 2 -8.80 23.46 -11.78
N VAL F 3 -9.52 24.47 -12.27
CA VAL F 3 -10.73 24.95 -11.58
C VAL F 3 -11.97 24.71 -12.44
N ASP F 4 -13.12 24.53 -11.79
CA ASP F 4 -14.36 24.29 -12.52
C ASP F 4 -15.44 25.31 -12.16
N THR F 5 -15.01 26.47 -11.67
CA THR F 5 -15.92 27.54 -11.28
C THR F 5 -15.31 28.87 -11.65
N GLY F 6 -16.13 29.91 -11.67
CA GLY F 6 -15.63 31.22 -11.98
C GLY F 6 -15.22 31.45 -13.41
N SER F 7 -14.07 32.08 -13.58
CA SER F 7 -13.55 32.39 -14.90
C SER F 7 -12.04 32.28 -14.92
N VAL F 8 -11.46 32.10 -16.11
CA VAL F 8 -10.02 32.00 -16.26
C VAL F 8 -9.60 32.94 -17.40
N ALA F 9 -8.42 33.53 -17.26
CA ALA F 9 -7.91 34.45 -18.27
C ALA F 9 -7.75 33.78 -19.62
N PRO F 10 -7.86 34.56 -20.70
CA PRO F 10 -7.73 34.02 -22.06
C PRO F 10 -6.41 33.30 -22.29
N LEU F 11 -6.35 32.51 -23.35
CA LEU F 11 -5.13 31.78 -23.66
C LEU F 11 -4.25 32.67 -24.52
N SER F 12 -2.96 32.74 -24.19
CA SER F 12 -2.03 33.56 -24.94
C SER F 12 -1.55 32.76 -26.14
N ALA F 13 -1.09 33.45 -27.17
CA ALA F 13 -0.62 32.77 -28.37
C ALA F 13 0.48 31.78 -28.02
N ALA F 14 1.25 32.12 -27.00
CA ALA F 14 2.34 31.28 -26.54
C ALA F 14 1.80 29.98 -25.95
N GLU F 15 0.78 30.09 -25.09
CA GLU F 15 0.18 28.92 -24.47
C GLU F 15 -0.48 28.02 -25.49
N LYS F 16 -1.18 28.61 -26.46
CA LYS F 16 -1.85 27.82 -27.48
C LYS F 16 -0.85 26.96 -28.24
N THR F 17 0.31 27.54 -28.52
CA THR F 17 1.36 26.84 -29.24
C THR F 17 1.88 25.62 -28.48
N LYS F 18 2.13 25.79 -27.19
CA LYS F 18 2.61 24.67 -26.39
C LYS F 18 1.56 23.59 -26.34
N ILE F 19 0.31 23.99 -26.10
CA ILE F 19 -0.80 23.06 -26.05
C ILE F 19 -0.88 22.23 -27.33
N ARG F 20 -0.90 22.89 -28.48
CA ARG F 20 -0.97 22.18 -29.75
C ARG F 20 0.18 21.17 -29.85
N SER F 21 1.35 21.53 -29.35
CA SER F 21 2.51 20.63 -29.41
C SER F 21 2.33 19.41 -28.54
N ALA F 22 2.03 19.63 -27.26
CA ALA F 22 1.85 18.54 -26.31
C ALA F 22 0.69 17.64 -26.72
N TRP F 23 -0.32 18.22 -27.38
CA TRP F 23 -1.49 17.47 -27.80
C TRP F 23 -1.24 16.58 -29.00
N ALA F 24 -0.64 17.13 -30.06
CA ALA F 24 -0.38 16.36 -31.30
C ALA F 24 -0.02 14.88 -31.09
N PRO F 25 1.03 14.58 -30.31
CA PRO F 25 1.43 13.19 -30.06
C PRO F 25 0.34 12.37 -29.38
N VAL F 26 -0.25 12.90 -28.31
CA VAL F 26 -1.30 12.20 -27.59
C VAL F 26 -2.51 11.89 -28.47
N TYR F 27 -3.03 12.89 -29.18
CA TYR F 27 -4.19 12.66 -30.03
C TYR F 27 -3.87 11.77 -31.23
N SER F 28 -2.60 11.76 -31.62
CA SER F 28 -2.13 10.97 -32.74
C SER F 28 -2.51 9.50 -32.58
N THR F 29 -2.55 9.04 -31.33
CA THR F 29 -2.93 7.67 -31.02
C THR F 29 -3.96 7.73 -29.89
N TYR F 30 -4.99 8.55 -30.11
CA TYR F 30 -6.05 8.76 -29.13
C TYR F 30 -6.78 7.51 -28.62
N GLU F 31 -6.88 6.48 -29.47
CA GLU F 31 -7.57 5.25 -29.08
C GLU F 31 -6.87 4.57 -27.91
N THR F 32 -5.56 4.74 -27.81
CA THR F 32 -4.80 4.13 -26.73
C THR F 32 -4.71 5.11 -25.56
N SER F 33 -4.34 6.34 -25.86
CA SER F 33 -4.21 7.38 -24.85
C SER F 33 -5.54 7.48 -24.09
N GLY F 34 -6.62 7.67 -24.84
CA GLY F 34 -7.92 7.79 -24.24
C GLY F 34 -8.26 6.68 -23.28
N VAL F 35 -8.01 5.45 -23.70
CA VAL F 35 -8.32 4.31 -22.83
C VAL F 35 -7.48 4.30 -21.56
N ASP F 36 -6.20 4.64 -21.66
CA ASP F 36 -5.34 4.67 -20.48
C ASP F 36 -5.82 5.75 -19.52
N ILE F 37 -6.10 6.92 -20.06
CA ILE F 37 -6.57 8.04 -19.25
C ILE F 37 -7.85 7.69 -18.53
N LEU F 38 -8.79 7.07 -19.24
CA LEU F 38 -10.06 6.70 -18.63
C LEU F 38 -9.91 5.55 -17.64
N VAL F 39 -9.12 4.55 -18.00
CA VAL F 39 -8.93 3.40 -17.10
C VAL F 39 -8.24 3.86 -15.81
N LYS F 40 -7.29 4.79 -15.94
CA LYS F 40 -6.57 5.31 -14.81
C LYS F 40 -7.52 6.07 -13.88
N PHE F 41 -8.31 6.98 -14.47
CA PHE F 41 -9.28 7.78 -13.70
C PHE F 41 -10.29 6.88 -12.97
N PHE F 42 -10.83 5.90 -13.70
CA PHE F 42 -11.84 5.00 -13.17
C PHE F 42 -11.35 4.15 -12.01
N THR F 43 -10.20 3.50 -12.18
CA THR F 43 -9.64 2.64 -11.16
C THR F 43 -9.21 3.37 -9.89
N SER F 44 -8.68 4.57 -10.03
CA SER F 44 -8.23 5.33 -8.87
C SER F 44 -9.27 6.26 -8.24
N THR F 45 -10.48 6.28 -8.77
CA THR F 45 -11.52 7.14 -8.20
C THR F 45 -12.82 6.36 -8.03
N PRO F 46 -12.82 5.38 -7.10
CA PRO F 46 -13.95 4.51 -6.79
C PRO F 46 -15.31 5.19 -6.67
N ALA F 47 -15.33 6.35 -6.03
CA ALA F 47 -16.57 7.11 -5.82
C ALA F 47 -17.30 7.47 -7.10
N ALA F 48 -16.56 7.62 -8.19
CA ALA F 48 -17.11 7.99 -9.48
C ALA F 48 -17.52 6.81 -10.35
N GLN F 49 -17.21 5.60 -9.90
CA GLN F 49 -17.51 4.39 -10.68
C GLN F 49 -18.98 4.11 -10.90
N GLU F 50 -19.81 4.45 -9.92
CA GLU F 50 -21.24 4.18 -10.03
C GLU F 50 -21.87 4.94 -11.20
N PHE F 51 -21.12 5.89 -11.76
CA PHE F 51 -21.65 6.69 -12.86
C PHE F 51 -21.36 6.14 -14.25
N PHE F 52 -20.72 4.98 -14.30
CA PHE F 52 -20.43 4.32 -15.56
C PHE F 52 -21.17 2.98 -15.54
N PRO F 53 -22.51 3.03 -15.66
CA PRO F 53 -23.38 1.84 -15.66
C PRO F 53 -22.90 0.75 -16.59
N LYS F 54 -22.52 1.12 -17.79
CA LYS F 54 -22.07 0.14 -18.77
C LYS F 54 -20.78 -0.59 -18.37
N PHE F 55 -20.17 -0.18 -17.25
CA PHE F 55 -18.93 -0.81 -16.78
C PHE F 55 -19.16 -1.73 -15.59
N LYS F 56 -20.41 -1.97 -15.23
CA LYS F 56 -20.74 -2.86 -14.12
C LYS F 56 -20.01 -4.19 -14.29
N GLY F 57 -19.41 -4.67 -13.20
CA GLY F 57 -18.70 -5.94 -13.25
C GLY F 57 -17.23 -5.80 -13.60
N LEU F 58 -16.90 -4.82 -14.43
CA LEU F 58 -15.51 -4.61 -14.79
C LEU F 58 -14.78 -4.08 -13.55
N THR F 59 -13.57 -4.58 -13.30
CA THR F 59 -12.78 -4.17 -12.13
C THR F 59 -11.29 -4.07 -12.43
N THR F 60 -10.67 -5.17 -12.84
CA THR F 60 -9.25 -5.15 -13.16
C THR F 60 -9.03 -4.17 -14.32
N ALA F 61 -7.89 -3.51 -14.33
CA ALA F 61 -7.58 -2.57 -15.40
C ALA F 61 -7.46 -3.33 -16.73
N ASP F 62 -7.19 -4.63 -16.63
CA ASP F 62 -7.04 -5.46 -17.81
C ASP F 62 -8.39 -5.70 -18.49
N GLN F 63 -9.41 -5.98 -17.67
CA GLN F 63 -10.76 -6.21 -18.17
C GLN F 63 -11.25 -4.98 -18.92
N LEU F 64 -11.05 -3.82 -18.30
CA LEU F 64 -11.45 -2.55 -18.86
C LEU F 64 -10.84 -2.31 -20.23
N LYS F 65 -9.51 -2.37 -20.34
CA LYS F 65 -8.86 -2.12 -21.62
C LYS F 65 -9.39 -3.01 -22.75
N LYS F 66 -10.09 -4.07 -22.38
CA LYS F 66 -10.63 -5.00 -23.37
C LYS F 66 -12.09 -4.79 -23.71
N SER F 67 -12.84 -4.14 -22.83
CA SER F 67 -14.26 -3.87 -23.06
C SER F 67 -14.45 -2.84 -24.17
N ALA F 68 -15.33 -3.13 -25.12
CA ALA F 68 -15.58 -2.20 -26.21
C ALA F 68 -16.33 -0.99 -25.71
N ASP F 69 -17.07 -1.18 -24.63
CA ASP F 69 -17.83 -0.09 -24.05
C ASP F 69 -16.87 0.97 -23.48
N VAL F 70 -15.82 0.51 -22.82
CA VAL F 70 -14.83 1.39 -22.23
C VAL F 70 -14.08 2.13 -23.31
N ARG F 71 -13.67 1.43 -24.35
CA ARG F 71 -12.94 2.04 -25.45
C ARG F 71 -13.73 3.13 -26.19
N TRP F 72 -15.02 2.89 -26.40
CA TRP F 72 -15.89 3.84 -27.10
C TRP F 72 -16.09 5.10 -26.25
N HIS F 73 -16.34 4.90 -24.96
CA HIS F 73 -16.54 6.01 -24.07
C HIS F 73 -15.26 6.87 -24.00
N ALA F 74 -14.11 6.21 -23.97
CA ALA F 74 -12.82 6.90 -23.91
C ALA F 74 -12.52 7.64 -25.21
N GLU F 75 -12.84 7.03 -26.34
CA GLU F 75 -12.60 7.66 -27.62
C GLU F 75 -13.46 8.90 -27.80
N ARG F 76 -14.67 8.88 -27.25
CA ARG F 76 -15.56 10.03 -27.36
C ARG F 76 -15.07 11.18 -26.47
N ILE F 77 -14.72 10.86 -25.23
CA ILE F 77 -14.23 11.87 -24.29
C ILE F 77 -12.97 12.52 -24.84
N ILE F 78 -12.02 11.70 -25.23
CA ILE F 78 -10.74 12.18 -25.74
C ILE F 78 -10.89 13.05 -26.99
N ASN F 79 -11.91 12.78 -27.81
CA ASN F 79 -12.15 13.57 -29.02
C ASN F 79 -12.87 14.89 -28.71
N ALA F 80 -13.55 14.93 -27.58
CA ALA F 80 -14.24 16.14 -27.16
C ALA F 80 -13.16 17.13 -26.80
N VAL F 81 -12.15 16.67 -26.05
CA VAL F 81 -11.05 17.54 -25.65
C VAL F 81 -10.38 18.02 -26.92
N ASN F 82 -10.20 17.11 -27.87
CA ASN F 82 -9.57 17.48 -29.13
C ASN F 82 -10.31 18.59 -29.85
N ASP F 83 -11.65 18.52 -29.83
CA ASP F 83 -12.47 19.55 -30.46
C ASP F 83 -12.18 20.87 -29.78
N ALA F 84 -12.04 20.84 -28.46
CA ALA F 84 -11.76 22.06 -27.74
C ALA F 84 -10.42 22.59 -28.18
N VAL F 85 -9.42 21.71 -28.25
CA VAL F 85 -8.07 22.12 -28.65
C VAL F 85 -8.09 22.73 -30.05
N ALA F 86 -8.89 22.15 -30.94
CA ALA F 86 -8.99 22.65 -32.30
C ALA F 86 -9.74 23.97 -32.37
N SER F 87 -10.38 24.38 -31.29
CA SER F 87 -11.15 25.63 -31.30
C SER F 87 -10.64 26.74 -30.43
N MET F 88 -9.43 26.62 -29.91
CA MET F 88 -8.90 27.66 -29.04
C MET F 88 -8.95 29.05 -29.69
N ASP F 89 -9.01 29.09 -31.03
CA ASP F 89 -9.04 30.36 -31.74
C ASP F 89 -10.44 30.86 -31.99
N ASP F 90 -11.42 30.02 -31.67
CA ASP F 90 -12.83 30.37 -31.83
C ASP F 90 -13.49 29.96 -30.54
N THR F 91 -13.24 30.73 -29.50
CA THR F 91 -13.77 30.46 -28.17
C THR F 91 -15.30 30.41 -28.15
N GLU F 92 -15.93 31.01 -29.17
CA GLU F 92 -17.38 31.02 -29.26
C GLU F 92 -17.91 29.66 -29.68
N LYS F 93 -17.23 29.03 -30.63
CA LYS F 93 -17.62 27.71 -31.10
C LYS F 93 -17.34 26.69 -30.00
N MET F 94 -16.21 26.87 -29.32
CA MET F 94 -15.83 25.98 -28.24
C MET F 94 -16.91 25.95 -27.16
N SER F 95 -17.49 27.10 -26.86
CA SER F 95 -18.55 27.21 -25.85
C SER F 95 -19.82 26.49 -26.25
N MET F 96 -20.33 26.80 -27.44
CA MET F 96 -21.55 26.16 -27.90
C MET F 96 -21.51 24.65 -27.76
N LYS F 97 -20.47 24.04 -28.32
CA LYS F 97 -20.30 22.62 -28.28
C LYS F 97 -20.26 22.05 -26.86
N LEU F 98 -19.50 22.70 -25.99
CA LEU F 98 -19.37 22.22 -24.62
C LEU F 98 -20.64 22.42 -23.80
N ARG F 99 -21.31 23.56 -23.96
CA ARG F 99 -22.52 23.82 -23.20
C ARG F 99 -23.54 22.74 -23.56
N ASP F 100 -23.57 22.38 -24.83
CA ASP F 100 -24.49 21.36 -25.29
C ASP F 100 -24.18 20.08 -24.53
N LEU F 101 -22.90 19.75 -24.49
CA LEU F 101 -22.38 18.57 -23.83
C LEU F 101 -22.67 18.63 -22.33
N SER F 102 -22.63 19.83 -21.77
CA SER F 102 -22.93 20.02 -20.36
C SER F 102 -24.35 19.55 -20.11
N GLY F 103 -25.27 20.01 -20.95
CA GLY F 103 -26.66 19.63 -20.79
C GLY F 103 -26.87 18.14 -20.80
N LYS F 104 -26.18 17.42 -21.70
CA LYS F 104 -26.33 15.98 -21.77
C LYS F 104 -25.90 15.32 -20.49
N HIS F 105 -24.79 15.79 -19.92
CA HIS F 105 -24.29 15.21 -18.69
C HIS F 105 -25.24 15.42 -17.54
N ALA F 106 -25.85 16.59 -17.49
CA ALA F 106 -26.77 16.91 -16.41
C ALA F 106 -28.16 16.33 -16.55
N LYS F 107 -28.72 16.40 -17.75
CA LYS F 107 -30.09 15.91 -17.98
C LYS F 107 -30.26 14.43 -18.34
N SER F 108 -29.24 13.81 -18.95
CA SER F 108 -29.37 12.43 -19.36
C SER F 108 -28.46 11.44 -18.63
N PHE F 109 -27.17 11.70 -18.66
CA PHE F 109 -26.20 10.82 -18.01
C PHE F 109 -26.27 10.96 -16.51
N GLN F 110 -26.77 12.11 -16.05
CA GLN F 110 -26.89 12.36 -14.62
C GLN F 110 -25.60 12.11 -13.88
N VAL F 111 -24.50 12.74 -14.31
CA VAL F 111 -23.25 12.53 -13.63
C VAL F 111 -23.00 13.67 -12.64
N ASP F 112 -22.42 13.32 -11.50
CA ASP F 112 -22.07 14.29 -10.46
C ASP F 112 -21.06 15.26 -11.10
N PRO F 113 -21.36 16.56 -11.11
CA PRO F 113 -20.44 17.53 -11.72
C PRO F 113 -19.06 17.68 -11.10
N GLN F 114 -18.85 17.16 -9.91
CA GLN F 114 -17.57 17.31 -9.27
C GLN F 114 -16.38 16.58 -9.89
N TYR F 115 -16.63 15.49 -10.61
CA TYR F 115 -15.54 14.72 -11.18
C TYR F 115 -14.93 15.24 -12.45
N PHE F 116 -15.61 16.17 -13.11
CA PHE F 116 -15.09 16.73 -14.36
C PHE F 116 -13.62 17.14 -14.19
N LYS F 117 -13.33 17.89 -13.11
CA LYS F 117 -11.96 18.34 -12.87
C LYS F 117 -11.00 17.21 -12.44
N VAL F 118 -11.53 16.17 -11.79
CA VAL F 118 -10.69 15.05 -11.38
C VAL F 118 -10.16 14.37 -12.64
N LEU F 119 -11.04 14.10 -13.59
CA LEU F 119 -10.64 13.47 -14.84
C LEU F 119 -9.79 14.42 -15.67
N ALA F 120 -10.13 15.71 -15.64
CA ALA F 120 -9.39 16.70 -16.41
C ALA F 120 -7.93 16.68 -15.99
N ALA F 121 -7.71 16.46 -14.69
CA ALA F 121 -6.37 16.41 -14.12
C ALA F 121 -5.55 15.25 -14.70
N VAL F 122 -6.19 14.08 -14.81
CA VAL F 122 -5.53 12.90 -15.35
C VAL F 122 -5.14 13.18 -16.79
N ILE F 123 -6.01 13.84 -17.52
CA ILE F 123 -5.74 14.18 -18.91
C ILE F 123 -4.56 15.15 -18.97
N ALA F 124 -4.50 16.04 -17.98
CA ALA F 124 -3.42 17.02 -17.91
C ALA F 124 -2.06 16.38 -17.62
N ASP F 125 -2.02 15.44 -16.67
CA ASP F 125 -0.77 14.77 -16.33
C ASP F 125 -0.22 14.06 -17.53
N THR F 126 -1.09 13.28 -18.16
CA THR F 126 -0.71 12.51 -19.33
C THR F 126 -0.21 13.35 -20.50
N VAL F 127 -0.92 14.42 -20.82
CA VAL F 127 -0.55 15.26 -21.96
C VAL F 127 0.63 16.19 -21.73
N ALA F 128 0.55 16.99 -20.69
CA ALA F 128 1.61 17.96 -20.39
C ALA F 128 1.63 18.27 -18.91
N ALA F 129 2.09 17.30 -18.13
CA ALA F 129 2.17 17.46 -16.69
C ALA F 129 2.92 18.73 -16.31
N GLY F 130 2.31 19.52 -15.43
CA GLY F 130 2.93 20.75 -14.99
C GLY F 130 2.64 22.00 -15.78
N ASP F 131 2.33 21.86 -17.07
CA ASP F 131 2.05 23.06 -17.87
C ASP F 131 0.80 23.77 -17.41
N ALA F 132 0.96 25.04 -17.05
CA ALA F 132 -0.15 25.84 -16.57
C ALA F 132 -1.08 26.16 -17.73
N GLY F 133 -0.51 26.40 -18.90
CA GLY F 133 -1.32 26.72 -20.06
C GLY F 133 -2.35 25.64 -20.33
N PHE F 134 -1.91 24.38 -20.34
CA PHE F 134 -2.80 23.27 -20.58
C PHE F 134 -3.81 23.18 -19.44
N GLU F 135 -3.39 23.50 -18.22
CA GLU F 135 -4.31 23.45 -17.08
C GLU F 135 -5.39 24.51 -17.25
N LYS F 136 -5.03 25.58 -17.93
CA LYS F 136 -5.97 26.68 -18.15
C LYS F 136 -7.03 26.21 -19.14
N LEU F 137 -6.59 25.48 -20.17
CA LEU F 137 -7.50 24.96 -21.18
C LEU F 137 -8.46 23.95 -20.56
N MET F 138 -7.98 23.14 -19.62
CA MET F 138 -8.83 22.15 -18.95
C MET F 138 -9.84 22.85 -18.05
N SER F 139 -9.46 24.00 -17.50
CA SER F 139 -10.34 24.75 -16.62
C SER F 139 -11.52 25.29 -17.41
N MET F 140 -11.24 25.81 -18.59
CA MET F 140 -12.28 26.35 -19.45
C MET F 140 -13.30 25.26 -19.73
N ILE F 141 -12.78 24.07 -20.06
CA ILE F 141 -13.61 22.92 -20.36
C ILE F 141 -14.47 22.50 -19.15
N CYS F 142 -13.88 22.49 -17.97
CA CYS F 142 -14.64 22.10 -16.79
C CYS F 142 -15.68 23.14 -16.42
N ILE F 143 -15.33 24.41 -16.53
CA ILE F 143 -16.27 25.45 -16.21
C ILE F 143 -17.48 25.35 -17.15
N LEU F 144 -17.24 25.10 -18.43
CA LEU F 144 -18.32 24.99 -19.39
C LEU F 144 -19.12 23.72 -19.19
N LEU F 145 -18.45 22.63 -18.83
CA LEU F 145 -19.14 21.36 -18.61
C LEU F 145 -20.09 21.41 -17.44
N ARG F 146 -19.91 22.37 -16.55
CA ARG F 146 -20.80 22.52 -15.40
C ARG F 146 -21.85 23.62 -15.61
N SER F 147 -21.82 24.28 -16.76
CA SER F 147 -22.75 25.37 -17.03
C SER F 147 -24.23 24.99 -17.07
N ALA F 148 -24.53 23.73 -17.36
CA ALA F 148 -25.91 23.31 -17.42
C ALA F 148 -26.45 22.86 -16.06
N TYR F 149 -25.55 22.61 -15.12
CA TYR F 149 -25.99 22.18 -13.79
C TYR F 149 -26.48 23.37 -13.00
CHA HEM G . 30.11 8.10 1.05
CHB HEM G . 26.45 10.28 -1.22
CHC HEM G . 25.11 6.05 -3.15
CHD HEM G . 28.74 3.87 -0.81
C1A HEM G . 29.26 9.07 0.52
C2A HEM G . 29.23 10.47 0.94
C3A HEM G . 28.23 11.08 0.29
C4A HEM G . 27.62 10.05 -0.52
CMA HEM G . 27.85 12.56 0.37
CAA HEM G . 30.17 11.18 1.89
CBA HEM G . 31.54 11.14 1.26
CGA HEM G . 32.59 11.75 2.14
O1A HEM G . 32.59 11.42 3.34
O2A HEM G . 33.40 12.57 1.63
C1B HEM G . 25.76 9.31 -1.97
C2B HEM G . 24.58 9.61 -2.80
C3B HEM G . 24.24 8.42 -3.36
C4B HEM G . 25.22 7.41 -2.91
CMB HEM G . 24.00 10.98 -3.07
CAB HEM G . 23.13 8.11 -4.14
CBB HEM G . 22.15 9.01 -4.62
C1C HEM G . 25.97 5.09 -2.65
C2C HEM G . 25.81 3.66 -2.87
C3C HEM G . 26.82 3.03 -2.21
C4C HEM G . 27.61 4.10 -1.60
CMC HEM G . 24.71 3.00 -3.69
CAC HEM G . 27.08 1.65 -2.06
CBC HEM G . 26.55 0.56 -2.82
C1D HEM G . 29.47 4.83 -0.17
C2D HEM G . 30.60 4.54 0.65
C3D HEM G . 30.96 5.69 1.24
C4D HEM G . 30.07 6.72 0.73
CMD HEM G . 31.27 3.19 0.81
CAD HEM G . 32.12 5.83 2.18
CBD HEM G . 31.62 5.85 3.60
CGD HEM G . 32.74 5.93 4.61
O1D HEM G . 33.66 5.07 4.58
O2D HEM G . 32.71 6.86 5.46
NA HEM G . 28.26 8.83 -0.41
NB HEM G . 26.18 7.98 -2.09
NC HEM G . 27.11 5.36 -1.88
ND HEM G . 29.17 6.17 -0.18
FE HEM G . 27.88 7.13 -1.37
CHA HEM H . 32.42 23.79 8.11
CHB HEM H . 35.10 21.26 11.25
CHC HEM H . 35.63 25.23 13.96
CHD HEM H . 32.91 27.72 10.83
C1A HEM H . 33.19 22.79 8.70
C2A HEM H . 33.22 21.39 8.28
C3A HEM H . 33.99 20.68 9.15
C4A HEM H . 34.41 21.65 10.12
CMA HEM H . 34.37 19.22 9.06
CAA HEM H . 32.55 20.80 7.05
CBA HEM H . 33.21 21.38 5.82
CGA HEM H . 32.60 20.87 4.54
O1A HEM H . 31.35 20.85 4.46
O2A HEM H . 33.37 20.49 3.63
C1B HEM H . 35.50 22.13 12.26
C2B HEM H . 36.31 21.73 13.39
C3B HEM H . 36.45 22.85 14.17
C4B HEM H . 35.77 23.94 13.46
CMB HEM H . 36.94 20.36 13.59
CAB HEM H . 37.04 23.00 15.41
CBB HEM H . 37.74 21.98 16.14
C1C HEM H . 34.88 26.23 13.35
C2C HEM H . 34.68 27.56 13.93
C3C HEM H . 33.91 28.27 13.07
C4C HEM H . 33.66 27.37 11.95
CMC HEM H . 35.19 28.03 15.28
CAC HEM H . 33.38 29.57 13.19
CBC HEM H . 33.73 30.64 14.11
C1D HEM H . 32.62 26.89 9.79
C2D HEM H . 31.78 27.29 8.68
C3D HEM H . 31.60 26.19 7.93
C4D HEM H . 32.35 25.09 8.56
CMD HEM H . 31.25 28.68 8.40
CAD HEM H . 30.81 26.15 6.64
CBD HEM H . 29.41 25.63 6.93
CGD HEM H . 28.53 25.62 5.71
O1D HEM H . 28.33 26.69 5.09
O2D HEM H . 28.03 24.53 5.34
NA HEM H . 33.97 22.96 9.82
NB HEM H . 35.20 23.50 12.27
NC HEM H . 34.26 26.12 12.12
ND HEM H . 33.01 25.55 9.69
FE HEM H . 34.32 24.62 10.81
CHA HEM I . -11.79 -22.47 33.62
CHB HEM I . -9.00 -18.66 32.51
CHC HEM I . -7.01 -18.86 36.90
CHD HEM I . -9.79 -22.65 38.00
C1A HEM I . -11.25 -21.36 32.97
C2A HEM I . -11.46 -21.01 31.57
C3A HEM I . -10.69 -19.94 31.25
C4A HEM I . -9.98 -19.62 32.47
CMA HEM I . -10.61 -19.23 29.92
CAA HEM I . -12.41 -21.65 30.58
CBA HEM I . -13.82 -21.46 31.11
CGA HEM I . -14.84 -22.11 30.23
O1A HEM I . -14.63 -23.30 29.88
O2A HEM I . -15.85 -21.43 29.88
C1B HEM I . -8.22 -18.39 33.61
C2B HEM I . -7.24 -17.33 33.65
C3B HEM I . -6.67 -17.38 34.91
C4B HEM I . -7.35 -18.45 35.63
CMB HEM I . -7.00 -16.29 32.56
CAB HEM I . -5.62 -16.63 35.43
CBB HEM I . -4.93 -15.54 34.76
C1C HEM I . -7.57 -19.95 37.56
C2C HEM I . -7.15 -20.42 38.85
C3C HEM I . -7.92 -21.49 39.19
C4C HEM I . -8.84 -21.64 38.07
CMC HEM I . -6.02 -19.84 39.69
CAC HEM I . -7.85 -22.36 40.30
CBC HEM I . -7.18 -22.16 41.57
C1D HEM I . -10.63 -22.88 36.93
C2D HEM I . -11.57 -23.98 36.88
C3D HEM I . -12.08 -23.97 35.66
C4D HEM I . -11.50 -22.84 34.93
CMD HEM I . -11.93 -24.92 38.00
CAD HEM I . -13.12 -24.96 35.21
CBD HEM I . -12.47 -26.06 34.39
CGD HEM I . -13.46 -27.10 33.92
O1D HEM I . -14.14 -27.68 34.80
O2D HEM I . -13.55 -27.34 32.69
NA HEM I . -10.34 -20.49 33.53
NB HEM I . -8.32 -19.05 34.84
NC HEM I . -8.62 -20.71 37.08
ND HEM I . -10.63 -22.15 35.74
FE HEM I . -9.68 -20.45 35.41
CHA HEM J . -16.85 -21.40 16.94
CHB HEM J . -18.42 -25.92 17.60
CHC HEM J . -19.42 -26.25 12.88
CHD HEM J . -17.81 -21.75 12.24
C1A HEM J . -17.27 -22.58 17.53
C2A HEM J . -17.04 -22.96 18.93
C3A HEM J . -17.50 -24.20 19.12
C4A HEM J . -18.01 -24.63 17.84
CMA HEM J . -17.51 -24.99 20.41
CAA HEM J . -16.45 -22.11 20.02
CBA HEM J . -17.37 -20.95 20.25
CGA HEM J . -16.85 -20.01 21.31
O1A HEM J . -15.65 -19.67 21.24
O2A HEM J . -17.66 -19.61 22.19
C1B HEM J . -18.83 -26.40 16.36
C2B HEM J . -19.34 -27.74 16.16
C3B HEM J . -19.63 -27.83 14.83
C4B HEM J . -19.34 -26.53 14.24
CMB HEM J . -19.61 -28.79 17.25
CAB HEM J . -20.06 -28.95 14.11
CBB HEM J . -20.39 -30.25 14.64
C1C HEM J . -19.04 -25.05 12.31
C2C HEM J . -19.04 -24.80 10.88
C3C HEM J . -18.57 -23.56 10.67
C4C HEM J . -18.28 -23.02 12.00
CMC HEM J . -19.44 -25.77 9.79
CAC HEM J . -18.33 -22.89 9.46
CBC HEM J . -18.80 -23.19 8.13
C1D HEM J . -17.50 -21.24 13.47
C2D HEM J . -16.94 -19.92 13.66
C3D HEM J . -16.64 -19.82 14.95
C4D HEM J . -17.00 -21.08 15.58
CMD HEM J . -16.78 -18.83 12.61
CAD HEM J . -16.07 -18.57 15.59
CBD HEM J . -14.56 -18.73 15.71
CGD HEM J . -13.89 -17.50 16.29
O1D HEM J . -14.01 -16.42 15.67
O2D HEM J . -13.22 -17.63 17.34
NA HEM J . -17.90 -23.60 16.88
NB HEM J . -18.88 -25.63 15.20
NC HEM J . -18.58 -23.94 13.00
ND HEM J . -17.59 -21.92 14.67
FE HEM J . -18.48 -23.63 15.00
CHA HEM K . -21.00 11.86 -39.71
CHB HEM K . -23.23 7.56 -39.44
CHC HEM K . -23.19 7.24 -44.25
CHD HEM K . -20.92 11.52 -44.50
C1A HEM K . -21.67 10.75 -39.22
C2A HEM K . -21.80 10.38 -37.82
C3A HEM K . -22.45 9.19 -37.73
C4A HEM K . -22.73 8.80 -39.11
CMA HEM K . -22.82 8.43 -36.46
CAA HEM K . -21.35 11.17 -36.63
CBA HEM K . -22.16 12.45 -36.60
CGA HEM K . -21.78 13.33 -35.44
O1A HEM K . -20.55 13.50 -35.24
O2A HEM K . -22.70 13.87 -34.75
C1B HEM K . -23.42 7.11 -40.72
C2B HEM K . -24.06 5.85 -41.03
C3B HEM K . -24.06 5.76 -42.41
C4B HEM K . -23.47 7.00 -42.91
CMB HEM K . -24.68 4.87 -40.03
CAB HEM K . -24.47 4.70 -43.23
CBB HEM K . -25.05 3.46 -42.82
C1C HEM K . -22.53 8.37 -44.74
C2C HEM K . -22.19 8.59 -46.12
C3C HEM K . -21.56 9.77 -46.21
C4C HEM K . -21.52 10.31 -44.85
CMC HEM K . -22.48 7.65 -47.25
CAC HEM K . -20.97 10.38 -47.34
CBC HEM K . -21.16 10.14 -48.75
C1D HEM K . -20.81 12.00 -43.23
C2D HEM K . -20.15 13.22 -42.93
C3D HEM K . -20.15 13.33 -41.59
C4D HEM K . -20.83 12.16 -41.06
CMD HEM K . -19.65 14.27 -43.91
CAD HEM K . -19.54 14.50 -40.84
CBD HEM K . -18.15 14.14 -40.35
CGD HEM K . -17.48 15.29 -39.62
O1D HEM K . -17.37 16.38 -40.23
O2D HEM K . -17.06 15.10 -38.47
NA HEM K . -22.27 9.77 -40.02
NB HEM K . -23.10 7.85 -41.87
NC HEM K . -22.13 9.46 -43.94
ND HEM K . -21.28 11.35 -42.10
FE HEM K . -22.44 9.75 -42.01
CHA HEM L . -20.54 10.70 -22.36
CHB HEM L . -17.00 13.99 -22.71
CHC HEM L . -16.24 13.66 -17.94
CHD HEM L . -19.67 10.27 -17.64
C1A HEM L . -19.68 11.69 -22.85
C2A HEM L . -19.47 12.01 -24.25
C3A HEM L . -18.52 12.96 -24.36
C4A HEM L . -18.09 13.18 -22.99
CMA HEM L . -18.05 13.65 -25.60
CAA HEM L . -20.22 11.47 -25.44
CBA HEM L . -21.65 11.86 -25.28
CGA HEM L . -22.51 11.35 -26.38
O1A HEM L . -22.38 10.14 -26.70
O2A HEM L . -23.32 12.14 -26.91
C1B HEM L . -16.47 14.19 -21.43
C2B HEM L . -15.39 15.11 -21.14
C3B HEM L . -15.20 15.02 -19.79
C4B HEM L . -16.20 14.09 -19.26
CMB HEM L . -14.72 16.06 -22.12
CAB HEM L . -14.21 15.65 -19.02
CBB HEM L . -13.22 16.59 -19.47
C1C HEM L . -17.08 12.67 -17.46
C2C HEM L . -17.07 12.16 -16.10
C3C HEM L . -18.00 11.21 -15.98
C4C HEM L . -18.63 11.14 -17.31
CMC HEM L . -16.14 12.59 -14.98
CAC HEM L . -18.33 10.37 -14.89
CBC HEM L . -17.99 10.53 -13.51
C1D HEM L . -20.25 10.14 -18.87
C2D HEM L . -21.28 9.20 -19.15
C3D HEM L . -21.50 9.27 -20.48
C4D HEM L . -20.62 10.30 -21.01
CMD HEM L . -22.05 8.35 -18.15
CAD HEM L . -22.52 8.43 -21.22
CBD HEM L . -21.86 7.24 -21.86
CGD HEM L . -22.85 6.33 -22.56
O1D HEM L . -23.81 5.89 -21.90
O2D HEM L . -22.68 6.05 -23.76
NA HEM L . -18.82 12.42 -22.07
NB HEM L . -17.00 13.59 -20.27
NC HEM L . -18.05 12.03 -18.21
ND HEM L . -19.86 10.85 -20.00
FE HEM L . -18.62 12.41 -20.13
#